data_5BY6
#
_entry.id   5BY6
#
_cell.length_a   51.695
_cell.length_b   65.914
_cell.length_c   96.511
_cell.angle_alpha   85.310
_cell.angle_beta   85.330
_cell.angle_gamma   67.120
#
_symmetry.space_group_name_H-M   'P 1'
#
loop_
_entity.id
_entity.type
_entity.pdbx_description
1 polymer 'Thymidylate synthase'
2 non-polymer "2'-DEOXYURIDINE 5'-MONOPHOSPHATE"
3 non-polymer 2,3-DIHYDROXY-1,4-DITHIOBUTANE
4 non-polymer GLYCEROL
5 water water
#
_entity_poly.entity_id   1
_entity_poly.type   'polypeptide(L)'
_entity_poly.pdbx_seq_one_letter_code
;MTETVHKLDTNSTSQDDYVNQEELNYLNQLKDIIDHGVRKNDRTGIGTLSTFGTQSRYCLRDDIFPLLTTKRVFWRGVVE
ELLWFISGSTNAKQLSEKNVNIWDGNSSREFLDSRGLYNYEEGDLGPVYGFQWRHFGCPYSSMTADYKGKGYDQLQQCIK
MIREEPESRRIIMTAWNPCDLEKVALPPCHCFVQFYVADGELSCQMYQRSADMGLGVPFNIASYSLLTRMIAHITSLKPG
FFIHTIGDAHVYLTHVDALKVQMERKPRPFPKLKILRNVENIDDFRAEDFELINYKPYPKISMPMAV
;
_entity_poly.pdbx_strand_id   A,B,C,D
#
# COMPACT_ATOMS: atom_id res chain seq x y z
N ASP A 17 -18.82 38.39 36.66
CA ASP A 17 -17.38 38.21 36.34
C ASP A 17 -17.07 36.77 35.93
N TYR A 18 -17.18 36.50 34.62
CA TYR A 18 -16.81 35.18 34.14
C TYR A 18 -15.31 35.13 33.85
N VAL A 19 -14.66 34.05 34.29
CA VAL A 19 -13.27 33.84 33.95
C VAL A 19 -13.16 32.56 33.11
N ASN A 20 -12.52 32.66 31.95
CA ASN A 20 -12.25 31.46 31.15
C ASN A 20 -10.88 31.02 31.56
N GLN A 21 -10.84 30.08 32.51
CA GLN A 21 -9.56 29.74 33.16
C GLN A 21 -8.67 29.04 32.17
N GLU A 22 -9.24 28.21 31.30
CA GLU A 22 -8.46 27.45 30.36
C GLU A 22 -7.74 28.36 29.34
N GLU A 23 -8.45 29.34 28.80
CA GLU A 23 -7.81 30.26 27.88
C GLU A 23 -6.80 31.19 28.58
N LEU A 24 -7.08 31.59 29.81
CA LEU A 24 -6.16 32.37 30.57
C LEU A 24 -4.79 31.61 30.76
N ASN A 25 -4.85 30.31 31.04
CA ASN A 25 -3.71 29.47 31.18
C ASN A 25 -2.87 29.47 29.90
N TYR A 26 -3.57 29.38 28.79
CA TYR A 26 -2.91 29.42 27.49
C TYR A 26 -2.19 30.77 27.35
N LEU A 27 -2.85 31.88 27.71
CA LEU A 27 -2.21 33.21 27.62
C LEU A 27 -1.00 33.31 28.55
N ASN A 28 -1.09 32.68 29.71
CA ASN A 28 0.02 32.71 30.66
C ASN A 28 1.17 31.89 30.15
N GLN A 29 0.84 30.84 29.38
CA GLN A 29 1.85 30.00 28.84
C GLN A 29 2.61 30.77 27.76
N LEU A 30 1.91 31.56 26.95
CA LEU A 30 2.56 32.45 25.98
C LEU A 30 3.47 33.42 26.69
N LYS A 31 2.98 34.05 27.77
CA LYS A 31 3.78 35.01 28.46
C LYS A 31 5.07 34.39 29.01
N ASP A 32 4.95 33.19 29.56
CA ASP A 32 6.06 32.52 30.18
C ASP A 32 7.12 32.17 29.11
N ILE A 33 6.65 31.74 27.96
CA ILE A 33 7.57 31.44 26.87
C ILE A 33 8.24 32.73 26.37
N ILE A 34 7.44 33.76 26.17
CA ILE A 34 7.97 35.05 25.75
C ILE A 34 9.02 35.59 26.73
N ASP A 35 8.74 35.51 28.02
CA ASP A 35 9.58 36.17 29.03
C ASP A 35 10.78 35.30 29.41
N HIS A 36 10.57 33.99 29.45
CA HIS A 36 11.60 33.08 29.98
C HIS A 36 12.02 31.95 29.05
N GLY A 37 11.44 31.85 27.86
CA GLY A 37 11.83 30.76 26.99
C GLY A 37 13.22 30.98 26.42
N VAL A 38 13.84 29.91 26.00
CA VAL A 38 15.21 30.02 25.53
CA VAL A 38 15.21 29.96 25.53
C VAL A 38 15.20 30.26 24.03
N ARG A 39 16.16 31.04 23.57
CA ARG A 39 16.30 31.27 22.13
CA ARG A 39 16.32 31.27 22.13
C ARG A 39 16.73 29.98 21.46
N LYS A 40 16.11 29.68 20.36
CA LYS A 40 16.43 28.46 19.69
C LYS A 40 16.26 28.79 18.22
N ASN A 41 17.07 28.17 17.36
CA ASN A 41 16.79 28.20 15.93
C ASN A 41 15.88 27.06 15.46
N ASP A 42 15.05 27.32 14.45
CA ASP A 42 14.23 26.26 13.81
C ASP A 42 15.08 25.73 12.68
N ARG A 43 14.56 24.78 11.90
CA ARG A 43 15.39 24.14 10.83
C ARG A 43 15.62 25.03 9.58
N THR A 44 14.94 26.18 9.50
CA THR A 44 15.20 27.22 8.48
C THR A 44 16.12 28.39 8.94
N GLY A 45 16.78 28.29 10.10
CA GLY A 45 17.63 29.40 10.62
C GLY A 45 16.90 30.59 11.26
N ILE A 46 15.57 30.51 11.29
CA ILE A 46 14.68 31.48 11.89
C ILE A 46 14.69 31.22 13.39
N GLY A 47 14.37 32.24 14.17
CA GLY A 47 14.48 32.15 15.61
C GLY A 47 13.14 31.94 16.30
N THR A 48 13.17 31.18 17.39
CA THR A 48 12.08 31.02 18.29
C THR A 48 12.50 31.24 19.74
N LEU A 49 11.51 31.47 20.59
CA LEU A 49 11.64 31.30 22.01
C LEU A 49 10.92 29.99 22.41
N SER A 50 11.57 29.18 23.20
CA SER A 50 11.08 27.80 23.39
C SER A 50 11.15 27.36 24.85
N THR A 51 10.21 26.49 25.22
CA THR A 51 10.30 25.67 26.41
C THR A 51 10.02 24.20 26.00
N PHE A 52 10.51 23.28 26.82
CA PHE A 52 10.30 21.84 26.59
C PHE A 52 9.44 21.21 27.69
N GLY A 53 8.29 20.70 27.29
CA GLY A 53 7.45 19.88 28.16
C GLY A 53 6.40 20.70 28.85
N THR A 54 5.17 20.68 28.31
CA THR A 54 4.06 21.40 28.86
C THR A 54 2.85 20.43 28.83
N GLN A 55 1.82 20.73 29.64
CA GLN A 55 0.64 19.95 29.70
C GLN A 55 -0.49 20.83 30.14
N SER A 56 -1.58 20.71 29.39
CA SER A 56 -2.74 21.54 29.55
C SER A 56 -4.00 20.66 29.43
N ARG A 57 -4.98 20.95 30.27
CA ARG A 57 -6.24 20.20 30.33
C ARG A 57 -7.43 21.07 29.87
N TYR A 58 -8.32 20.50 29.09
CA TYR A 58 -9.52 21.18 28.58
C TYR A 58 -10.71 20.30 28.91
N CYS A 59 -11.62 20.82 29.72
CA CYS A 59 -12.86 20.11 30.12
C CYS A 59 -13.93 20.18 29.05
N LEU A 60 -14.47 19.01 28.68
CA LEU A 60 -15.43 18.88 27.60
C LEU A 60 -16.79 18.67 28.19
N ARG A 61 -16.96 18.83 29.50
CA ARG A 61 -18.28 18.54 30.06
C ARG A 61 -19.30 19.58 29.61
N ASP A 62 -20.58 19.23 29.67
CA ASP A 62 -21.68 20.18 29.40
C ASP A 62 -21.62 20.78 28.00
N ASP A 63 -21.06 20.01 27.05
CA ASP A 63 -20.86 20.44 25.68
C ASP A 63 -19.92 21.62 25.43
N ILE A 64 -19.24 22.09 26.47
CA ILE A 64 -18.34 23.21 26.34
C ILE A 64 -17.15 22.86 25.45
N PHE A 65 -16.78 23.74 24.55
CA PHE A 65 -15.88 23.39 23.45
C PHE A 65 -14.74 24.41 23.33
N PRO A 66 -13.50 23.94 23.56
CA PRO A 66 -12.36 24.87 23.78
C PRO A 66 -11.81 25.47 22.47
N LEU A 67 -12.66 26.20 21.78
CA LEU A 67 -12.26 27.04 20.70
C LEU A 67 -11.88 28.43 21.23
N LEU A 68 -10.63 28.84 21.03
CA LEU A 68 -10.11 30.08 21.63
C LEU A 68 -10.78 31.36 21.15
N THR A 69 -11.07 32.24 22.10
CA THR A 69 -11.77 33.44 21.84
C THR A 69 -10.84 34.66 21.61
N THR A 70 -9.58 34.63 22.06
CA THR A 70 -8.72 35.83 21.91
C THR A 70 -8.08 36.01 20.51
N LYS A 71 -8.22 35.00 19.65
CA LYS A 71 -7.95 35.18 18.23
C LYS A 71 -8.74 34.11 17.54
N ARG A 72 -9.66 34.51 16.64
CA ARG A 72 -10.50 33.57 15.85
CA ARG A 72 -10.51 33.55 15.90
C ARG A 72 -9.72 32.36 15.30
N VAL A 73 -10.26 31.15 15.50
CA VAL A 73 -9.67 29.93 14.98
C VAL A 73 -10.47 29.48 13.75
N PHE A 74 -9.75 28.93 12.77
CA PHE A 74 -10.38 28.51 11.49
C PHE A 74 -11.16 27.19 11.62
N TRP A 75 -12.33 27.30 12.25
CA TRP A 75 -13.14 26.14 12.55
C TRP A 75 -13.59 25.30 11.33
N ARG A 76 -13.97 25.94 10.25
CA ARG A 76 -14.32 25.22 9.03
C ARG A 76 -13.16 24.35 8.53
N GLY A 77 -11.92 24.86 8.69
CA GLY A 77 -10.69 24.12 8.40
C GLY A 77 -10.47 22.97 9.36
N VAL A 78 -10.69 23.19 10.65
CA VAL A 78 -10.54 22.11 11.64
C VAL A 78 -11.46 20.91 11.29
N VAL A 79 -12.72 21.23 11.05
CA VAL A 79 -13.73 20.21 10.74
C VAL A 79 -13.34 19.43 9.47
N GLU A 80 -13.10 20.15 8.39
CA GLU A 80 -12.85 19.50 7.09
C GLU A 80 -11.53 18.70 7.07
N GLU A 81 -10.44 19.25 7.62
CA GLU A 81 -9.19 18.52 7.79
C GLU A 81 -9.42 17.21 8.55
N LEU A 82 -10.16 17.28 9.66
CA LEU A 82 -10.37 16.12 10.48
C LEU A 82 -11.19 15.10 9.75
N LEU A 83 -12.24 15.46 9.03
CA LEU A 83 -12.97 14.45 8.37
C LEU A 83 -12.10 13.82 7.26
N TRP A 84 -11.27 14.65 6.63
CA TRP A 84 -10.28 14.18 5.65
C TRP A 84 -9.25 13.19 6.25
N PHE A 85 -8.73 13.46 7.45
CA PHE A 85 -7.81 12.56 8.13
C PHE A 85 -8.57 11.23 8.35
N ILE A 86 -9.74 11.29 8.93
CA ILE A 86 -10.50 10.07 9.25
C ILE A 86 -10.74 9.20 8.00
N SER A 87 -11.01 9.81 6.86
CA SER A 87 -11.12 9.08 5.56
C SER A 87 -9.89 8.33 5.09
N GLY A 88 -8.73 8.58 5.71
CA GLY A 88 -7.52 7.97 5.33
C GLY A 88 -6.87 8.61 4.14
N SER A 89 -7.43 9.70 3.59
CA SER A 89 -6.83 10.31 2.41
C SER A 89 -5.47 10.99 2.67
N THR A 90 -4.65 10.93 1.64
CA THR A 90 -3.42 11.66 1.61
C THR A 90 -3.33 12.69 0.45
N ASN A 91 -4.47 13.04 -0.16
CA ASN A 91 -4.48 13.86 -1.36
C ASN A 91 -4.99 15.23 -0.94
N ALA A 92 -4.11 16.22 -0.87
CA ALA A 92 -4.50 17.53 -0.38
C ALA A 92 -5.52 18.22 -1.35
N LYS A 93 -5.58 17.76 -2.58
CA LYS A 93 -6.63 18.27 -3.53
C LYS A 93 -8.04 17.98 -3.04
N GLN A 94 -8.24 16.91 -2.28
CA GLN A 94 -9.56 16.65 -1.75
C GLN A 94 -9.98 17.66 -0.72
N LEU A 95 -9.04 18.28 -0.03
CA LEU A 95 -9.33 19.37 0.92
C LEU A 95 -9.48 20.69 0.18
N SER A 96 -8.55 20.91 -0.74
CA SER A 96 -8.52 22.12 -1.51
C SER A 96 -9.82 22.36 -2.30
N GLU A 97 -10.39 21.27 -2.80
CA GLU A 97 -11.70 21.30 -3.50
C GLU A 97 -12.93 21.63 -2.64
N LYS A 98 -12.77 21.46 -1.33
CA LYS A 98 -13.65 21.97 -0.28
C LYS A 98 -13.27 23.36 0.23
N ASN A 99 -12.41 24.05 -0.51
CA ASN A 99 -12.01 25.43 -0.17
C ASN A 99 -11.25 25.52 1.19
N VAL A 100 -10.46 24.50 1.45
CA VAL A 100 -9.55 24.47 2.59
C VAL A 100 -8.13 24.25 2.03
N ASN A 101 -7.30 25.26 2.12
CA ASN A 101 -6.03 25.25 1.38
CA ASN A 101 -6.03 25.38 1.41
C ASN A 101 -4.80 25.03 2.28
N ILE A 102 -5.05 24.63 3.51
CA ILE A 102 -3.97 24.51 4.48
C ILE A 102 -2.84 23.56 4.10
N TRP A 103 -3.09 22.52 3.27
CA TRP A 103 -2.02 21.57 2.85
C TRP A 103 -1.48 21.79 1.44
N ASP A 104 -1.96 22.85 0.79
CA ASP A 104 -1.58 23.13 -0.57
C ASP A 104 -0.08 23.44 -0.69
N GLY A 105 0.44 24.25 0.23
CA GLY A 105 1.86 24.64 0.19
C GLY A 105 2.85 23.46 0.30
N ASN A 106 2.46 22.40 1.00
CA ASN A 106 3.34 21.22 1.18
C ASN A 106 3.11 20.09 0.19
N SER A 107 2.30 20.33 -0.83
CA SER A 107 2.02 19.32 -1.84
C SER A 107 2.14 19.88 -3.24
N SER A 108 2.80 21.04 -3.38
CA SER A 108 3.12 21.60 -4.69
C SER A 108 4.20 20.80 -5.37
N ARG A 109 4.16 20.70 -6.68
CA ARG A 109 5.30 20.17 -7.46
C ARG A 109 6.65 20.57 -6.89
N GLU A 110 6.79 21.87 -6.65
CA GLU A 110 8.07 22.44 -6.19
CA GLU A 110 8.04 22.47 -6.16
C GLU A 110 8.44 21.99 -4.77
N PHE A 111 7.50 22.05 -3.82
CA PHE A 111 7.82 21.61 -2.48
C PHE A 111 8.13 20.12 -2.49
N LEU A 112 7.36 19.35 -3.24
CA LEU A 112 7.61 17.89 -3.28
C LEU A 112 8.99 17.54 -3.83
N ASP A 113 9.41 18.26 -4.84
CA ASP A 113 10.78 18.10 -5.38
C ASP A 113 11.89 18.42 -4.38
N SER A 114 11.68 19.45 -3.56
CA SER A 114 12.60 19.85 -2.52
C SER A 114 12.71 18.75 -1.44
N ARG A 115 11.67 17.93 -1.30
CA ARG A 115 11.71 16.81 -0.36
C ARG A 115 12.23 15.52 -1.03
N GLY A 116 12.63 15.63 -2.30
CA GLY A 116 13.07 14.49 -3.04
C GLY A 116 11.91 13.60 -3.51
N LEU A 117 10.67 14.05 -3.40
CA LEU A 117 9.51 13.22 -3.78
C LEU A 117 9.11 13.46 -5.26
N TYR A 118 10.06 13.15 -6.17
CA TYR A 118 9.95 13.53 -7.58
C TYR A 118 8.78 12.84 -8.29
N ASN A 119 8.46 11.62 -7.88
CA ASN A 119 7.37 10.83 -8.48
C ASN A 119 6.00 10.99 -7.87
N TYR A 120 5.86 11.81 -6.83
CA TYR A 120 4.55 12.12 -6.34
C TYR A 120 3.89 13.18 -7.27
N GLU A 121 2.62 13.03 -7.54
CA GLU A 121 1.99 14.10 -8.35
C GLU A 121 1.57 15.15 -7.36
N GLU A 122 1.25 16.32 -7.89
CA GLU A 122 0.76 17.42 -7.08
C GLU A 122 -0.47 16.97 -6.27
N GLY A 123 -0.46 17.28 -4.96
CA GLY A 123 -1.53 16.94 -3.99
C GLY A 123 -1.07 15.77 -3.10
N ASP A 124 -0.17 14.93 -3.60
CA ASP A 124 0.31 13.72 -2.83
C ASP A 124 1.33 14.08 -1.69
N LEU A 125 0.84 14.01 -0.46
CA LEU A 125 1.63 14.29 0.72
C LEU A 125 2.38 13.07 1.25
N GLY A 126 2.18 11.92 0.63
CA GLY A 126 2.70 10.68 1.20
C GLY A 126 1.88 10.25 2.44
N PRO A 127 2.39 9.27 3.16
CA PRO A 127 1.61 8.63 4.21
C PRO A 127 1.62 9.44 5.52
N VAL A 128 0.88 10.55 5.47
CA VAL A 128 0.68 11.46 6.61
C VAL A 128 -0.45 10.97 7.46
N TYR A 129 -0.93 11.81 8.39
CA TYR A 129 -1.86 11.38 9.41
C TYR A 129 -2.91 10.35 9.03
N GLY A 130 -3.75 10.63 8.07
CA GLY A 130 -4.87 9.73 7.77
C GLY A 130 -4.50 8.32 7.37
N PHE A 131 -3.40 8.23 6.64
CA PHE A 131 -2.84 6.93 6.28
C PHE A 131 -2.34 6.21 7.53
N GLN A 132 -1.65 6.91 8.43
CA GLN A 132 -1.14 6.22 9.63
C GLN A 132 -2.29 5.77 10.56
N TRP A 133 -3.31 6.61 10.63
CA TRP A 133 -4.45 6.33 11.48
C TRP A 133 -5.19 5.07 11.01
N ARG A 134 -5.36 4.94 9.69
CA ARG A 134 -6.23 3.91 9.19
C ARG A 134 -5.53 2.74 8.53
N HIS A 135 -4.24 2.91 8.23
CA HIS A 135 -3.45 1.96 7.43
C HIS A 135 -2.04 1.75 7.87
N PHE A 136 -1.84 1.88 9.15
CA PHE A 136 -0.50 1.80 9.71
C PHE A 136 0.22 0.53 9.30
N GLY A 137 1.42 0.75 8.86
CA GLY A 137 2.28 -0.34 8.41
C GLY A 137 2.08 -0.86 7.01
N CYS A 138 1.10 -0.34 6.27
CA CYS A 138 0.93 -0.72 4.90
C CYS A 138 2.00 0.00 4.06
N PRO A 139 2.64 -0.67 3.07
CA PRO A 139 3.53 0.09 2.16
C PRO A 139 2.78 1.12 1.40
N TYR A 140 3.30 2.34 1.34
CA TYR A 140 2.69 3.38 0.55
C TYR A 140 3.15 3.38 -0.93
N SER A 141 2.23 3.47 -1.88
CA SER A 141 2.63 3.71 -3.26
C SER A 141 2.27 5.15 -3.68
N SER A 142 0.99 5.44 -3.79
CA SER A 142 0.56 6.80 -3.99
C SER A 142 -0.82 7.01 -3.38
N MET A 143 -1.27 8.25 -3.53
CA MET A 143 -2.54 8.70 -3.00
C MET A 143 -3.75 8.18 -3.73
N THR A 144 -3.60 7.64 -4.91
CA THR A 144 -4.72 7.09 -5.63
C THR A 144 -4.95 5.61 -5.42
N ALA A 145 -4.02 4.88 -4.78
CA ALA A 145 -4.14 3.41 -4.58
C ALA A 145 -5.26 3.12 -3.60
N ASP A 146 -5.87 1.94 -3.68
CA ASP A 146 -6.89 1.59 -2.69
C ASP A 146 -6.19 0.81 -1.57
N TYR A 147 -6.21 1.39 -0.40
CA TYR A 147 -5.60 0.73 0.73
C TYR A 147 -6.63 0.04 1.66
N LYS A 148 -7.89 -0.07 1.22
CA LYS A 148 -8.94 -0.63 2.03
C LYS A 148 -8.56 -2.04 2.53
N GLY A 149 -8.73 -2.31 3.82
CA GLY A 149 -8.38 -3.61 4.37
C GLY A 149 -6.88 -3.82 4.61
N LYS A 150 -6.03 -2.84 4.23
CA LYS A 150 -4.56 -3.00 4.33
C LYS A 150 -3.97 -2.17 5.50
N GLY A 151 -2.92 -2.68 6.09
CA GLY A 151 -2.36 -2.10 7.31
C GLY A 151 -3.27 -2.30 8.52
N TYR A 152 -2.91 -1.60 9.58
CA TYR A 152 -3.61 -1.64 10.88
CA TYR A 152 -3.69 -1.65 10.83
C TYR A 152 -4.54 -0.42 11.03
N ASP A 153 -5.84 -0.66 11.13
CA ASP A 153 -6.77 0.43 11.25
C ASP A 153 -6.82 0.75 12.76
N GLN A 154 -5.96 1.67 13.17
CA GLN A 154 -5.82 2.01 14.58
C GLN A 154 -7.02 2.71 15.09
N LEU A 155 -7.56 3.62 14.29
CA LEU A 155 -8.79 4.34 14.68
C LEU A 155 -9.97 3.39 15.00
N GLN A 156 -10.25 2.42 14.17
CA GLN A 156 -11.30 1.47 14.49
C GLN A 156 -10.92 0.54 15.64
N GLN A 157 -9.65 0.18 15.74
CA GLN A 157 -9.26 -0.65 16.83
CA GLN A 157 -9.20 -0.63 16.84
C GLN A 157 -9.44 0.12 18.16
N CYS A 158 -9.15 1.44 18.16
CA CYS A 158 -9.36 2.24 19.43
C CYS A 158 -10.85 2.24 19.82
N ILE A 159 -11.73 2.52 18.83
CA ILE A 159 -13.17 2.45 19.04
C ILE A 159 -13.67 1.09 19.56
N LYS A 160 -13.22 0.00 18.93
CA LYS A 160 -13.51 -1.34 19.44
C LYS A 160 -13.08 -1.54 20.94
N MET A 161 -11.87 -1.10 21.26
CA MET A 161 -11.33 -1.21 22.62
C MET A 161 -12.12 -0.38 23.60
N ILE A 162 -12.55 0.81 23.17
CA ILE A 162 -13.39 1.66 24.02
C ILE A 162 -14.70 0.96 24.40
N ARG A 163 -15.33 0.33 23.44
CA ARG A 163 -16.61 -0.35 23.66
C ARG A 163 -16.43 -1.70 24.32
N GLU A 164 -15.39 -2.46 23.98
CA GLU A 164 -15.27 -3.82 24.47
C GLU A 164 -14.40 -3.96 25.73
N GLU A 165 -13.45 -3.03 25.91
CA GLU A 165 -12.59 -3.04 27.11
C GLU A 165 -12.25 -1.61 27.55
N PRO A 166 -13.28 -0.88 28.06
CA PRO A 166 -13.09 0.51 28.39
C PRO A 166 -12.04 0.69 29.51
N GLU A 167 -11.84 -0.28 30.37
CA GLU A 167 -10.84 -0.19 31.44
C GLU A 167 -9.41 -0.15 30.90
N SER A 168 -9.24 -0.52 29.62
CA SER A 168 -7.93 -0.77 29.03
C SER A 168 -6.99 0.45 29.13
N ARG A 169 -5.76 0.19 29.52
CA ARG A 169 -4.78 1.20 29.49
C ARG A 169 -3.90 1.18 28.20
N ARG A 170 -4.39 0.54 27.14
CA ARG A 170 -3.66 0.35 25.92
C ARG A 170 -4.40 0.93 24.69
N ILE A 171 -5.28 1.92 24.92
CA ILE A 171 -6.11 2.45 23.82
C ILE A 171 -5.32 3.56 23.15
N ILE A 172 -4.50 3.20 22.15
CA ILE A 172 -3.52 4.10 21.58
C ILE A 172 -3.63 4.19 20.10
N MET A 173 -3.45 5.41 19.56
CA MET A 173 -3.27 5.61 18.14
C MET A 173 -1.95 6.42 17.86
N THR A 174 -1.01 5.83 17.13
CA THR A 174 0.20 6.52 16.78
C THR A 174 0.22 7.04 15.37
N ALA A 175 0.78 8.22 15.18
CA ALA A 175 1.06 8.70 13.82
C ALA A 175 2.55 8.67 13.40
N TRP A 176 3.39 8.11 14.22
CA TRP A 176 4.83 8.16 14.09
C TRP A 176 5.35 6.79 13.63
N ASN A 177 5.84 6.71 12.40
CA ASN A 177 6.49 5.54 11.85
C ASN A 177 7.77 6.04 11.22
N PRO A 178 8.92 5.81 11.90
CA PRO A 178 10.14 6.32 11.35
C PRO A 178 10.47 5.73 9.95
N CYS A 179 9.99 4.54 9.64
CA CYS A 179 10.21 3.99 8.31
C CYS A 179 9.51 4.80 7.22
N ASP A 180 8.56 5.64 7.57
CA ASP A 180 7.81 6.43 6.61
C ASP A 180 8.32 7.86 6.50
N LEU A 181 9.33 8.24 7.32
CA LEU A 181 9.80 9.62 7.36
C LEU A 181 10.32 10.09 6.06
N GLU A 182 10.99 9.24 5.27
CA GLU A 182 11.44 9.72 3.97
C GLU A 182 10.34 9.76 2.87
N LYS A 183 9.14 9.31 3.16
CA LYS A 183 8.06 9.27 2.16
CA LYS A 183 8.06 9.27 2.17
C LYS A 183 7.08 10.42 2.31
N VAL A 184 7.23 11.25 3.37
CA VAL A 184 6.25 12.22 3.70
C VAL A 184 6.72 13.63 3.39
N ALA A 185 5.80 14.46 2.98
CA ALA A 185 6.10 15.85 2.64
C ALA A 185 6.63 16.58 3.85
N LEU A 186 6.05 16.23 5.01
CA LEU A 186 6.52 16.70 6.31
C LEU A 186 6.16 15.72 7.43
N PRO A 187 7.03 15.61 8.40
CA PRO A 187 6.88 14.59 9.42
C PRO A 187 5.78 14.95 10.43
N PRO A 188 5.10 13.97 10.96
CA PRO A 188 3.91 14.32 11.80
C PRO A 188 4.25 15.21 13.03
N CYS A 189 3.46 16.23 13.35
CA CYS A 189 3.61 16.95 14.65
C CYS A 189 2.74 16.43 15.78
N HIS A 190 1.52 16.06 15.53
CA HIS A 190 0.68 15.51 16.53
CA HIS A 190 0.67 15.45 16.58
C HIS A 190 0.81 13.95 16.48
N CYS A 191 1.69 13.45 17.32
CA CYS A 191 2.31 12.19 17.17
C CYS A 191 1.64 10.98 17.73
N PHE A 192 0.97 11.14 18.84
CA PHE A 192 0.60 9.99 19.64
C PHE A 192 -0.69 10.35 20.40
N VAL A 193 -1.67 9.46 20.42
CA VAL A 193 -2.93 9.77 21.06
C VAL A 193 -3.30 8.62 22.00
N GLN A 194 -3.83 8.89 23.16
CA GLN A 194 -4.35 7.84 24.00
C GLN A 194 -5.75 8.21 24.46
N PHE A 195 -6.62 7.21 24.57
CA PHE A 195 -7.94 7.37 25.12
C PHE A 195 -8.07 6.64 26.43
N TYR A 196 -9.01 7.15 27.21
CA TYR A 196 -9.25 6.66 28.59
C TYR A 196 -10.72 6.77 28.91
N VAL A 197 -11.26 5.78 29.62
CA VAL A 197 -12.66 5.80 30.01
C VAL A 197 -12.75 5.59 31.53
N ALA A 198 -13.52 6.42 32.20
CA ALA A 198 -13.81 6.25 33.62
C ALA A 198 -15.17 6.87 33.91
N ASP A 199 -15.96 6.17 34.72
CA ASP A 199 -17.24 6.72 35.17
C ASP A 199 -18.08 7.20 33.97
N GLY A 200 -18.08 6.43 32.90
CA GLY A 200 -18.89 6.76 31.72
C GLY A 200 -18.47 7.98 30.87
N GLU A 201 -17.24 8.46 31.08
CA GLU A 201 -16.76 9.60 30.32
C GLU A 201 -15.53 9.23 29.52
N LEU A 202 -15.42 9.78 28.30
CA LEU A 202 -14.29 9.53 27.50
C LEU A 202 -13.31 10.73 27.50
N SER A 203 -12.04 10.40 27.75
CA SER A 203 -10.93 11.39 27.66
C SER A 203 -9.91 11.03 26.65
N CYS A 204 -9.23 12.05 26.20
CA CYS A 204 -8.18 11.88 25.23
C CYS A 204 -6.90 12.67 25.60
N GLN A 205 -5.74 12.06 25.47
CA GLN A 205 -4.48 12.77 25.60
C GLN A 205 -3.79 12.73 24.27
N MET A 206 -3.27 13.85 23.81
CA MET A 206 -2.46 13.89 22.57
C MET A 206 -1.08 14.47 22.90
N TYR A 207 -0.06 13.88 22.34
CA TYR A 207 1.31 14.30 22.46
C TYR A 207 1.77 14.92 21.17
N GLN A 208 2.17 16.20 21.32
CA GLN A 208 2.58 17.02 20.18
C GLN A 208 4.08 17.33 20.31
N ARG A 209 4.89 16.87 19.38
CA ARG A 209 6.37 17.05 19.53
C ARG A 209 6.80 18.52 19.42
N SER A 210 6.08 19.29 18.63
CA SER A 210 6.48 20.66 18.30
CA SER A 210 6.49 20.63 18.26
C SER A 210 5.24 21.42 18.09
N ALA A 211 5.11 22.52 18.82
CA ALA A 211 3.89 23.29 18.76
C ALA A 211 4.23 24.77 18.67
N ASP A 212 3.75 25.44 17.61
CA ASP A 212 3.78 26.91 17.49
C ASP A 212 2.59 27.42 18.28
N MET A 213 2.86 28.08 19.38
CA MET A 213 1.79 28.45 20.31
C MET A 213 0.86 29.45 19.73
N GLY A 214 1.38 30.32 18.85
CA GLY A 214 0.56 31.37 18.20
C GLY A 214 -0.33 30.78 17.14
N LEU A 215 0.21 30.12 16.14
CA LEU A 215 -0.56 29.75 15.00
C LEU A 215 -1.00 28.33 14.96
N GLY A 216 -0.36 27.42 15.69
CA GLY A 216 -0.70 26.03 15.55
C GLY A 216 -1.60 25.57 16.68
N VAL A 217 -1.11 25.76 17.92
CA VAL A 217 -1.85 25.29 19.10
C VAL A 217 -3.41 25.47 19.13
N PRO A 218 -3.91 26.65 18.86
CA PRO A 218 -5.34 26.79 18.93
C PRO A 218 -6.15 25.86 17.99
N PHE A 219 -5.63 25.71 16.77
CA PHE A 219 -6.21 24.82 15.79
C PHE A 219 -6.04 23.36 16.29
N ASN A 220 -4.86 23.01 16.81
CA ASN A 220 -4.68 21.67 17.30
C ASN A 220 -5.64 21.26 18.41
N ILE A 221 -5.86 22.15 19.37
CA ILE A 221 -6.73 21.87 20.50
C ILE A 221 -8.09 21.56 19.96
N ALA A 222 -8.50 22.34 18.96
CA ALA A 222 -9.82 22.15 18.45
C ALA A 222 -9.96 20.83 17.69
N SER A 223 -8.96 20.40 16.88
CA SER A 223 -9.08 19.15 16.14
C SER A 223 -9.26 17.96 17.08
N TYR A 224 -8.40 17.87 18.08
CA TYR A 224 -8.47 16.74 19.03
C TYR A 224 -9.67 16.72 19.96
N SER A 225 -10.13 17.89 20.40
CA SER A 225 -11.33 17.99 21.19
C SER A 225 -12.48 17.51 20.31
N LEU A 226 -12.45 17.87 19.05
CA LEU A 226 -13.58 17.53 18.18
C LEU A 226 -13.49 16.01 17.95
N LEU A 227 -12.26 15.47 17.87
CA LEU A 227 -12.19 14.01 17.61
C LEU A 227 -12.74 13.29 18.83
N THR A 228 -12.46 13.84 19.99
CA THR A 228 -12.94 13.27 21.26
C THR A 228 -14.45 13.21 21.34
N ARG A 229 -15.11 14.27 20.95
CA ARG A 229 -16.58 14.30 20.85
C ARG A 229 -17.18 13.32 19.86
N MET A 230 -16.52 13.21 18.72
CA MET A 230 -16.93 12.24 17.71
C MET A 230 -16.91 10.83 18.23
N ILE A 231 -15.79 10.48 18.90
CA ILE A 231 -15.65 9.11 19.33
C ILE A 231 -16.58 8.83 20.52
N ALA A 232 -16.74 9.80 21.43
CA ALA A 232 -17.65 9.61 22.52
C ALA A 232 -19.09 9.40 21.97
N HIS A 233 -19.45 10.11 20.92
CA HIS A 233 -20.77 9.89 20.35
C HIS A 233 -21.00 8.46 19.84
N ILE A 234 -20.07 7.92 19.06
CA ILE A 234 -20.33 6.60 18.46
C ILE A 234 -19.92 5.43 19.38
N THR A 235 -19.44 5.75 20.60
CA THR A 235 -19.24 4.73 21.62
C THR A 235 -20.15 4.90 22.78
N SER A 236 -21.13 5.80 22.67
CA SER A 236 -22.15 5.91 23.69
C SER A 236 -21.62 6.37 25.04
N LEU A 237 -20.54 7.16 25.03
CA LEU A 237 -19.97 7.78 26.24
C LEU A 237 -20.17 9.28 26.29
N LYS A 238 -20.08 9.83 27.52
CA LYS A 238 -20.10 11.26 27.71
C LYS A 238 -18.65 11.77 27.57
N PRO A 239 -18.45 13.02 27.09
CA PRO A 239 -17.11 13.58 26.98
C PRO A 239 -16.54 14.06 28.35
N GLY A 240 -15.24 13.81 28.57
CA GLY A 240 -14.57 14.26 29.76
C GLY A 240 -13.57 15.39 29.45
N PHE A 241 -12.29 15.02 29.36
CA PHE A 241 -11.23 15.97 29.10
C PHE A 241 -10.41 15.65 27.87
N PHE A 242 -9.98 16.73 27.26
CA PHE A 242 -8.84 16.71 26.37
C PHE A 242 -7.57 17.25 27.05
N ILE A 243 -6.56 16.39 27.05
CA ILE A 243 -5.22 16.72 27.58
C ILE A 243 -4.22 16.86 26.50
N HIS A 244 -3.60 18.05 26.46
CA HIS A 244 -2.63 18.37 25.46
C HIS A 244 -1.27 18.42 26.07
N THR A 245 -0.43 17.52 25.60
CA THR A 245 0.93 17.52 26.06
C THR A 245 1.89 17.87 24.93
N ILE A 246 2.84 18.80 25.19
CA ILE A 246 3.80 19.30 24.20
C ILE A 246 5.23 19.01 24.56
N GLY A 247 6.05 18.64 23.53
CA GLY A 247 7.54 18.68 23.58
C GLY A 247 8.03 20.10 23.43
N ASP A 248 8.47 20.49 22.23
CA ASP A 248 8.98 21.87 22.04
C ASP A 248 7.81 22.85 21.80
N ALA A 249 7.42 23.56 22.83
CA ALA A 249 6.42 24.59 22.80
C ALA A 249 7.13 25.94 22.54
N HIS A 250 6.75 26.62 21.45
CA HIS A 250 7.51 27.78 21.01
C HIS A 250 6.69 28.86 20.37
N VAL A 251 7.30 30.02 20.30
CA VAL A 251 6.71 31.17 19.55
CA VAL A 251 6.74 31.23 19.62
C VAL A 251 7.79 31.74 18.67
N TYR A 252 7.42 32.12 17.48
CA TYR A 252 8.44 32.68 16.57
C TYR A 252 8.75 34.10 16.96
N LEU A 253 10.04 34.50 16.89
CA LEU A 253 10.42 35.89 17.20
C LEU A 253 9.68 36.94 16.41
N THR A 254 9.40 36.65 15.16
CA THR A 254 8.63 37.64 14.35
C THR A 254 7.18 37.79 14.77
N HIS A 255 6.65 36.86 15.58
CA HIS A 255 5.26 36.93 16.06
C HIS A 255 5.16 37.65 17.38
N VAL A 256 6.30 37.86 18.04
CA VAL A 256 6.25 38.27 19.42
C VAL A 256 5.44 39.53 19.67
N ASP A 257 5.56 40.51 18.77
CA ASP A 257 4.79 41.75 18.93
C ASP A 257 3.29 41.53 18.86
N ALA A 258 2.85 40.75 17.88
CA ALA A 258 1.42 40.48 17.70
C ALA A 258 0.88 39.69 18.89
N LEU A 259 1.69 38.79 19.43
CA LEU A 259 1.18 37.96 20.53
C LEU A 259 1.05 38.77 21.81
N LYS A 260 1.93 39.76 21.98
CA LYS A 260 1.82 40.68 23.12
C LYS A 260 0.50 41.41 23.12
N VAL A 261 0.05 41.78 21.95
CA VAL A 261 -1.25 42.43 21.77
C VAL A 261 -2.36 41.45 22.10
N GLN A 262 -2.33 40.29 21.50
CA GLN A 262 -3.31 39.28 21.89
C GLN A 262 -3.38 39.06 23.40
N MET A 263 -2.23 39.03 24.07
CA MET A 263 -2.20 38.77 25.52
C MET A 263 -2.90 39.85 26.38
N GLU A 264 -3.07 41.06 25.85
CA GLU A 264 -3.85 42.09 26.58
C GLU A 264 -5.36 41.80 26.57
N ARG A 265 -5.82 40.95 25.65
CA ARG A 265 -7.25 40.69 25.50
C ARG A 265 -7.77 39.79 26.62
N LYS A 266 -9.03 39.98 26.99
CA LYS A 266 -9.66 39.22 28.07
C LYS A 266 -10.43 38.11 27.41
N PRO A 267 -10.07 36.86 27.69
CA PRO A 267 -10.79 35.75 27.07
C PRO A 267 -12.26 35.79 27.38
N ARG A 268 -13.07 35.28 26.44
CA ARG A 268 -14.52 35.17 26.63
C ARG A 268 -14.91 33.74 26.86
N PRO A 269 -16.20 33.51 27.15
CA PRO A 269 -16.48 32.12 27.42
C PRO A 269 -16.38 31.25 26.15
N PHE A 270 -15.97 29.99 26.31
CA PHE A 270 -15.95 29.06 25.21
C PHE A 270 -17.34 28.80 24.62
N PRO A 271 -17.41 28.51 23.31
CA PRO A 271 -18.64 28.08 22.68
C PRO A 271 -19.06 26.69 23.19
N LYS A 272 -20.25 26.26 22.78
CA LYS A 272 -20.63 24.87 22.94
C LYS A 272 -20.70 24.19 21.57
N LEU A 273 -20.69 22.85 21.58
CA LEU A 273 -20.75 22.03 20.39
C LEU A 273 -21.77 20.91 20.59
N LYS A 274 -22.77 20.87 19.72
CA LYS A 274 -23.76 19.77 19.64
C LYS A 274 -23.59 18.97 18.38
N ILE A 275 -23.84 17.67 18.49
CA ILE A 275 -23.88 16.77 17.36
C ILE A 275 -25.33 16.54 16.97
N LEU A 276 -25.70 16.79 15.72
CA LEU A 276 -27.12 16.90 15.32
C LEU A 276 -27.80 15.67 14.77
N ARG A 277 -27.12 14.53 14.75
CA ARG A 277 -27.64 13.35 14.12
C ARG A 277 -27.12 12.14 14.93
N ASN A 278 -27.87 11.04 14.90
CA ASN A 278 -27.36 9.75 15.39
C ASN A 278 -26.49 9.11 14.34
N VAL A 279 -25.20 9.39 14.42
CA VAL A 279 -24.24 9.04 13.36
C VAL A 279 -23.93 7.54 13.42
N GLU A 280 -23.81 6.90 12.27
CA GLU A 280 -23.75 5.44 12.20
C GLU A 280 -22.39 4.90 12.80
N ASN A 281 -21.27 5.50 12.38
CA ASN A 281 -19.93 5.05 12.73
C ASN A 281 -18.94 6.18 12.41
N ILE A 282 -17.68 6.00 12.77
CA ILE A 282 -16.70 7.06 12.67
C ILE A 282 -16.52 7.52 11.22
N ASP A 283 -16.75 6.64 10.26
CA ASP A 283 -16.67 7.08 8.88
C ASP A 283 -17.93 7.79 8.29
N ASP A 284 -19.00 7.95 9.07
CA ASP A 284 -20.31 8.44 8.56
C ASP A 284 -20.49 9.91 8.94
N PHE A 285 -19.48 10.53 9.60
CA PHE A 285 -19.64 11.93 10.06
C PHE A 285 -19.56 12.89 8.88
N ARG A 286 -20.36 13.95 8.94
CA ARG A 286 -20.45 14.96 7.89
C ARG A 286 -20.35 16.32 8.52
N ALA A 287 -19.85 17.30 7.77
CA ALA A 287 -19.59 18.60 8.35
C ALA A 287 -20.83 19.23 8.96
N GLU A 288 -22.01 18.99 8.37
CA GLU A 288 -23.25 19.55 8.89
C GLU A 288 -23.77 18.93 10.18
N ASP A 289 -23.17 17.83 10.60
CA ASP A 289 -23.49 17.23 11.90
C ASP A 289 -23.07 18.03 13.11
N PHE A 290 -22.24 19.05 12.97
CA PHE A 290 -21.67 19.75 14.11
C PHE A 290 -22.21 21.15 14.11
N GLU A 291 -22.71 21.61 15.26
CA GLU A 291 -23.23 22.96 15.44
C GLU A 291 -22.45 23.62 16.57
N LEU A 292 -21.80 24.74 16.24
CA LEU A 292 -21.00 25.49 17.17
CA LEU A 292 -20.96 25.51 17.13
C LEU A 292 -21.85 26.62 17.69
N ILE A 293 -22.16 26.60 18.97
CA ILE A 293 -23.07 27.60 19.54
C ILE A 293 -22.32 28.71 20.27
N ASN A 294 -22.65 29.95 19.90
CA ASN A 294 -22.14 31.12 20.63
CA ASN A 294 -22.14 31.18 20.53
C ASN A 294 -20.59 31.31 20.60
N TYR A 295 -19.93 30.98 19.48
CA TYR A 295 -18.51 31.26 19.33
C TYR A 295 -18.37 32.73 19.02
N LYS A 296 -17.67 33.45 19.88
CA LYS A 296 -17.60 34.90 19.83
CA LYS A 296 -17.61 34.91 19.85
C LYS A 296 -16.18 35.41 20.04
N PRO A 297 -15.29 35.13 19.07
CA PRO A 297 -13.88 35.51 19.22
C PRO A 297 -13.68 36.98 18.98
N TYR A 298 -12.57 37.52 19.45
CA TYR A 298 -12.07 38.81 18.98
C TYR A 298 -11.69 38.60 17.53
N PRO A 299 -11.16 39.62 16.84
CA PRO A 299 -10.79 39.41 15.43
C PRO A 299 -9.66 38.38 15.07
N LYS A 300 -9.36 38.32 13.77
CA LYS A 300 -8.26 37.56 13.16
C LYS A 300 -8.79 36.30 12.49
N ASP B 17 15.50 22.03 57.30
CA ASP B 17 16.55 21.20 56.62
C ASP B 17 16.41 21.32 55.09
N TYR B 18 17.04 20.40 54.37
CA TYR B 18 16.87 20.34 52.93
C TYR B 18 15.46 19.82 52.57
N VAL B 19 14.83 20.44 51.58
CA VAL B 19 13.53 20.01 51.09
C VAL B 19 13.65 19.43 49.67
N ASN B 20 13.40 18.14 49.55
CA ASN B 20 13.37 17.48 48.22
C ASN B 20 12.01 17.70 47.57
N GLN B 21 11.86 18.80 46.86
CA GLN B 21 10.59 19.16 46.26
C GLN B 21 10.07 18.16 45.20
N GLU B 22 10.94 17.60 44.38
CA GLU B 22 10.52 16.67 43.34
C GLU B 22 9.98 15.38 43.99
N GLU B 23 10.61 14.94 45.05
CA GLU B 23 10.11 13.76 45.72
C GLU B 23 8.82 14.02 46.51
N LEU B 24 8.72 15.18 47.13
CA LEU B 24 7.44 15.62 47.75
C LEU B 24 6.27 15.67 46.72
N ASN B 25 6.57 16.13 45.51
CA ASN B 25 5.57 16.17 44.46
C ASN B 25 5.07 14.77 44.10
N TYR B 26 5.97 13.83 44.04
CA TYR B 26 5.59 12.47 43.79
C TYR B 26 4.65 12.03 44.93
N LEU B 27 5.07 12.29 46.16
CA LEU B 27 4.24 11.84 47.28
C LEU B 27 2.85 12.49 47.26
N ASN B 28 2.78 13.76 46.89
CA ASN B 28 1.51 14.52 46.67
C ASN B 28 0.61 13.98 45.55
N GLN B 29 1.23 13.51 44.50
CA GLN B 29 0.53 12.84 43.43
C GLN B 29 0.00 11.46 43.89
N LEU B 30 0.80 10.75 44.65
CA LEU B 30 0.28 9.56 45.33
C LEU B 30 -0.98 9.90 46.14
N LYS B 31 -0.87 10.98 46.94
CA LYS B 31 -1.98 11.37 47.87
C LYS B 31 -3.26 11.71 47.14
N ASP B 32 -3.06 12.41 46.03
CA ASP B 32 -4.13 12.82 45.15
C ASP B 32 -4.87 11.70 44.50
N ILE B 33 -4.15 10.73 43.97
CA ILE B 33 -4.77 9.54 43.38
C ILE B 33 -5.50 8.75 44.47
N ILE B 34 -4.86 8.59 45.62
CA ILE B 34 -5.45 7.81 46.70
C ILE B 34 -6.69 8.51 47.18
N ASP B 35 -6.67 9.83 47.32
CA ASP B 35 -7.82 10.54 47.89
C ASP B 35 -8.89 10.86 46.88
N HIS B 36 -8.50 11.12 45.63
CA HIS B 36 -9.43 11.65 44.64
C HIS B 36 -9.46 10.85 43.33
N GLY B 37 -8.68 9.78 43.23
CA GLY B 37 -8.65 8.98 42.01
C GLY B 37 -9.98 8.28 41.79
N VAL B 38 -10.32 8.03 40.53
CA VAL B 38 -11.51 7.22 40.20
C VAL B 38 -11.18 5.74 40.34
N ARG B 39 -12.10 5.05 40.92
CA ARG B 39 -12.08 3.60 41.01
CA ARG B 39 -12.12 3.60 41.01
C ARG B 39 -12.34 3.03 39.61
N LYS B 40 -11.52 2.09 39.21
CA LYS B 40 -11.51 1.66 37.87
C LYS B 40 -11.03 0.23 38.03
N ASN B 41 -11.76 -0.75 37.53
CA ASN B 41 -11.17 -2.07 37.58
C ASN B 41 -10.24 -2.19 36.39
N ASP B 42 -9.53 -3.29 36.30
CA ASP B 42 -8.54 -3.34 35.26
C ASP B 42 -8.33 -4.77 34.85
N ARG B 43 -7.39 -4.94 33.96
CA ARG B 43 -7.17 -6.19 33.28
C ARG B 43 -6.81 -7.24 34.33
N THR B 44 -6.11 -6.80 35.38
CA THR B 44 -5.56 -7.69 36.39
C THR B 44 -6.59 -8.25 37.35
N GLY B 45 -7.76 -7.63 37.43
CA GLY B 45 -8.77 -8.04 38.37
C GLY B 45 -8.62 -7.36 39.71
N ILE B 46 -7.39 -6.99 40.11
CA ILE B 46 -7.22 -6.09 41.26
C ILE B 46 -7.90 -4.82 40.75
N GLY B 47 -8.44 -4.01 41.63
CA GLY B 47 -8.91 -2.70 41.19
C GLY B 47 -7.78 -1.69 41.30
N THR B 48 -7.95 -0.53 40.69
CA THR B 48 -7.06 0.59 40.87
C THR B 48 -7.83 1.87 41.25
N LEU B 49 -7.09 2.84 41.79
CA LEU B 49 -7.54 4.20 41.86
C LEU B 49 -6.71 4.90 40.79
N SER B 50 -7.32 5.78 40.03
CA SER B 50 -6.70 6.19 38.77
C SER B 50 -6.98 7.64 38.44
N THR B 51 -5.98 8.30 37.87
CA THR B 51 -6.17 9.60 37.20
C THR B 51 -5.53 9.50 35.80
N PHE B 52 -5.99 10.35 34.91
CA PHE B 52 -5.49 10.32 33.55
C PHE B 52 -4.85 11.65 33.22
N GLY B 53 -3.58 11.63 32.82
CA GLY B 53 -2.87 12.80 32.31
C GLY B 53 -2.16 13.56 33.42
N THR B 54 -0.88 13.24 33.61
CA THR B 54 -0.06 13.96 34.57
C THR B 54 1.29 14.25 33.94
N GLN B 55 1.99 15.24 34.50
CA GLN B 55 3.32 15.60 34.01
C GLN B 55 4.22 16.09 35.15
N SER B 56 5.41 15.51 35.26
CA SER B 56 6.35 15.87 36.36
C SER B 56 7.76 16.07 35.75
N ARG B 57 8.50 17.02 36.33
CA ARG B 57 9.84 17.41 35.87
CA ARG B 57 9.81 17.46 35.90
C ARG B 57 10.87 17.08 36.96
N TYR B 58 11.99 16.54 36.52
CA TYR B 58 13.11 16.17 37.32
C TYR B 58 14.42 16.81 36.81
N CYS B 59 15.06 17.60 37.67
CA CYS B 59 16.24 18.33 37.27
C CYS B 59 17.47 17.45 37.43
N LEU B 60 18.25 17.35 36.36
CA LEU B 60 19.44 16.51 36.29
C LEU B 60 20.74 17.33 36.40
N ARG B 61 20.61 18.62 36.62
CA ARG B 61 21.78 19.48 36.81
C ARG B 61 22.62 19.14 38.02
N ASP B 62 23.92 19.47 37.96
CA ASP B 62 24.85 19.31 39.07
C ASP B 62 25.00 17.86 39.49
N ASP B 63 24.83 16.96 38.51
CA ASP B 63 24.81 15.50 38.65
C ASP B 63 23.73 14.93 39.55
N ILE B 64 22.75 15.73 39.95
CA ILE B 64 21.72 15.22 40.82
C ILE B 64 20.82 14.26 40.09
N PHE B 65 20.49 13.17 40.77
CA PHE B 65 19.90 12.03 40.12
C PHE B 65 18.64 11.57 40.87
N PRO B 66 17.44 11.64 40.21
CA PRO B 66 16.15 11.42 40.88
C PRO B 66 15.81 9.97 41.18
N LEU B 67 16.63 9.38 42.04
CA LEU B 67 16.35 8.10 42.64
C LEU B 67 15.66 8.32 43.98
N LEU B 68 14.43 7.82 44.08
CA LEU B 68 13.62 8.10 45.26
C LEU B 68 14.24 7.59 46.57
N THR B 69 14.06 8.39 47.63
CA THR B 69 14.67 8.13 48.93
C THR B 69 13.67 7.63 49.98
N THR B 70 12.38 7.79 49.75
CA THR B 70 11.41 7.29 50.74
C THR B 70 11.20 5.79 50.63
N LYS B 71 11.83 5.16 49.64
CA LYS B 71 12.02 3.71 49.61
C LYS B 71 13.24 3.38 48.80
N ARG B 72 13.82 2.21 49.02
CA ARG B 72 14.99 1.79 48.28
C ARG B 72 14.55 1.31 46.91
N VAL B 73 14.91 2.04 45.88
CA VAL B 73 14.68 1.65 44.51
C VAL B 73 15.75 0.66 44.03
N PHE B 74 15.33 -0.29 43.19
CA PHE B 74 16.17 -1.35 42.62
C PHE B 74 17.13 -0.87 41.55
N TRP B 75 18.08 -0.07 42.01
CA TRP B 75 19.07 0.56 41.11
C TRP B 75 19.80 -0.42 40.22
N ARG B 76 20.25 -1.53 40.77
CA ARG B 76 21.03 -2.47 39.99
C ARG B 76 20.16 -3.02 38.81
N GLY B 77 18.86 -3.16 39.07
CA GLY B 77 17.91 -3.57 38.08
C GLY B 77 17.77 -2.51 37.02
N VAL B 78 17.67 -1.25 37.45
CA VAL B 78 17.51 -0.17 36.47
C VAL B 78 18.69 -0.21 35.49
N VAL B 79 19.92 -0.27 36.03
CA VAL B 79 21.09 -0.21 35.19
C VAL B 79 21.17 -1.40 34.26
N GLU B 80 21.12 -2.61 34.78
CA GLU B 80 21.21 -3.81 33.90
C GLU B 80 20.07 -3.85 32.82
N GLU B 81 18.84 -3.56 33.20
CA GLU B 81 17.76 -3.59 32.21
C GLU B 81 18.02 -2.57 31.10
N LEU B 82 18.48 -1.40 31.45
CA LEU B 82 18.69 -0.39 30.41
C LEU B 82 19.81 -0.76 29.46
N LEU B 83 20.88 -1.37 29.97
CA LEU B 83 21.96 -1.81 29.13
C LEU B 83 21.48 -2.92 28.18
N TRP B 84 20.57 -3.74 28.70
CA TRP B 84 19.98 -4.85 27.94
C TRP B 84 19.01 -4.28 26.86
N PHE B 85 18.18 -3.30 27.20
CA PHE B 85 17.33 -2.53 26.18
C PHE B 85 18.25 -2.01 25.12
N ILE B 86 19.34 -1.35 25.53
CA ILE B 86 20.27 -0.73 24.55
C ILE B 86 20.86 -1.80 23.61
N SER B 87 21.18 -2.99 24.11
CA SER B 87 21.74 -4.02 23.26
C SER B 87 20.80 -4.50 22.16
N GLY B 88 19.53 -4.16 22.24
CA GLY B 88 18.58 -4.60 21.28
C GLY B 88 18.06 -5.99 21.59
N SER B 89 18.51 -6.63 22.67
CA SER B 89 18.08 -8.00 22.98
C SER B 89 16.61 -8.11 23.33
N THR B 90 16.02 -9.24 23.00
CA THR B 90 14.67 -9.57 23.49
C THR B 90 14.66 -10.91 24.27
N ASN B 91 15.83 -11.30 24.73
CA ASN B 91 15.96 -12.59 25.48
C ASN B 91 16.16 -12.32 26.95
N ALA B 92 15.14 -12.65 27.75
CA ALA B 92 15.17 -12.36 29.20
C ALA B 92 16.32 -13.07 29.93
N LYS B 93 16.77 -14.16 29.35
CA LYS B 93 17.85 -14.95 29.93
C LYS B 93 19.16 -14.17 29.98
N GLN B 94 19.38 -13.29 29.00
CA GLN B 94 20.56 -12.43 29.03
C GLN B 94 20.55 -11.49 30.24
N LEU B 95 19.36 -11.19 30.74
CA LEU B 95 19.18 -10.32 31.91
C LEU B 95 19.25 -11.12 33.17
N SER B 96 18.64 -12.31 33.11
CA SER B 96 18.66 -13.25 34.22
C SER B 96 20.08 -13.66 34.62
N GLU B 97 20.96 -13.84 33.65
CA GLU B 97 22.38 -14.09 33.92
C GLU B 97 23.07 -12.94 34.72
N LYS B 98 22.53 -11.72 34.65
CA LYS B 98 22.97 -10.61 35.48
C LYS B 98 22.26 -10.54 36.88
N ASN B 99 21.62 -11.64 37.27
CA ASN B 99 20.80 -11.72 38.47
C ASN B 99 19.81 -10.63 38.58
N VAL B 100 19.16 -10.34 37.45
CA VAL B 100 18.06 -9.44 37.43
C VAL B 100 16.90 -10.21 36.80
N ASN B 101 15.87 -10.44 37.59
CA ASN B 101 14.88 -11.46 37.21
C ASN B 101 13.53 -10.87 36.83
N ILE B 102 13.50 -9.56 36.62
CA ILE B 102 12.22 -8.89 36.49
C ILE B 102 11.41 -9.26 35.22
N TRP B 103 12.06 -9.78 34.16
CA TRP B 103 11.34 -10.23 32.98
C TRP B 103 11.10 -11.72 32.89
N ASP B 104 11.51 -12.46 33.93
CA ASP B 104 11.40 -13.93 33.89
C ASP B 104 9.95 -14.40 33.91
N GLY B 105 9.11 -13.76 34.72
CA GLY B 105 7.65 -14.05 34.79
C GLY B 105 7.00 -14.09 33.42
N ASN B 106 7.28 -13.06 32.64
CA ASN B 106 6.67 -12.91 31.34
C ASN B 106 7.32 -13.70 30.20
N SER B 107 8.27 -14.57 30.50
CA SER B 107 8.94 -15.35 29.43
C SER B 107 9.07 -16.84 29.72
N SER B 108 8.38 -17.34 30.74
CA SER B 108 8.39 -18.77 31.06
C SER B 108 7.60 -19.53 29.97
N ARG B 109 8.01 -20.78 29.73
CA ARG B 109 7.28 -21.71 28.84
CA ARG B 109 7.27 -21.72 28.86
C ARG B 109 5.77 -21.54 29.10
N GLU B 110 5.37 -21.79 30.34
CA GLU B 110 3.99 -21.67 30.81
C GLU B 110 3.36 -20.33 30.43
N PHE B 111 3.99 -19.22 30.76
CA PHE B 111 3.32 -17.92 30.57
C PHE B 111 3.09 -17.57 29.09
N LEU B 112 4.01 -17.97 28.22
CA LEU B 112 3.93 -17.68 26.79
C LEU B 112 2.77 -18.45 26.11
N ASP B 113 2.59 -19.70 26.52
CA ASP B 113 1.46 -20.50 26.05
C ASP B 113 0.12 -19.80 26.24
N SER B 114 0.02 -19.03 27.32
CA SER B 114 -1.21 -18.32 27.68
CA SER B 114 -1.21 -18.33 27.67
C SER B 114 -1.52 -17.17 26.72
N ARG B 115 -0.49 -16.39 26.34
CA ARG B 115 -0.69 -15.35 25.29
C ARG B 115 -0.76 -15.99 23.89
N GLY B 116 -0.73 -17.33 23.82
CA GLY B 116 -0.74 -18.07 22.54
C GLY B 116 0.53 -17.93 21.68
N LEU B 117 1.69 -17.85 22.34
CA LEU B 117 3.01 -17.74 21.70
C LEU B 117 3.66 -19.08 21.98
N TYR B 118 3.09 -20.14 21.37
CA TYR B 118 3.53 -21.51 21.64
C TYR B 118 4.84 -21.78 20.92
N ASN B 119 5.18 -20.98 19.93
CA ASN B 119 6.40 -21.23 19.16
C ASN B 119 7.66 -20.49 19.70
N TYR B 120 7.48 -19.59 20.66
CA TYR B 120 8.61 -18.93 21.26
C TYR B 120 9.31 -19.86 22.30
N GLU B 121 10.64 -19.88 22.31
CA GLU B 121 11.38 -20.60 23.35
CA GLU B 121 11.42 -20.58 23.33
C GLU B 121 11.44 -19.77 24.63
N GLU B 122 11.62 -20.44 25.76
CA GLU B 122 11.69 -19.79 27.06
C GLU B 122 12.69 -18.64 27.01
N GLY B 123 12.31 -17.51 27.60
CA GLY B 123 13.07 -16.27 27.45
C GLY B 123 12.65 -15.35 26.31
N ASP B 124 12.00 -15.90 25.29
CA ASP B 124 11.62 -15.02 24.17
C ASP B 124 10.44 -14.14 24.48
N LEU B 125 10.73 -12.85 24.64
CA LEU B 125 9.75 -11.85 24.95
C LEU B 125 9.06 -11.27 23.72
N GLY B 126 9.49 -11.61 22.53
CA GLY B 126 9.01 -10.92 21.36
C GLY B 126 9.64 -9.53 21.22
N PRO B 127 9.07 -8.71 20.33
CA PRO B 127 9.77 -7.45 20.02
C PRO B 127 9.42 -6.37 20.98
N VAL B 128 9.99 -6.47 22.15
CA VAL B 128 9.80 -5.47 23.19
C VAL B 128 10.83 -4.34 23.00
N TYR B 129 10.94 -3.52 24.03
CA TYR B 129 11.59 -2.22 23.94
C TYR B 129 12.88 -2.25 23.13
N GLY B 130 13.82 -3.10 23.50
CA GLY B 130 15.08 -3.08 22.79
C GLY B 130 15.02 -3.30 21.30
N PHE B 131 14.12 -4.17 20.86
CA PHE B 131 13.96 -4.45 19.45
C PHE B 131 13.40 -3.20 18.79
N GLN B 132 12.43 -2.55 19.43
CA GLN B 132 11.80 -1.37 18.85
C GLN B 132 12.80 -0.21 18.75
N TRP B 133 13.66 -0.09 19.74
CA TRP B 133 14.65 1.00 19.74
C TRP B 133 15.70 0.83 18.63
N ARG B 134 16.14 -0.41 18.40
CA ARG B 134 17.27 -0.66 17.52
C ARG B 134 16.90 -1.15 16.13
N HIS B 135 15.69 -1.67 15.94
CA HIS B 135 15.29 -2.44 14.78
C HIS B 135 13.81 -2.16 14.35
N PHE B 136 13.31 -0.94 14.59
CA PHE B 136 11.91 -0.68 14.40
C PHE B 136 11.52 -1.06 12.94
N GLY B 137 10.38 -1.70 12.85
CA GLY B 137 9.77 -2.06 11.57
C GLY B 137 10.35 -3.28 10.89
N CYS B 138 11.42 -3.88 11.43
CA CYS B 138 11.93 -5.15 10.92
C CYS B 138 10.94 -6.25 11.34
N PRO B 139 10.67 -7.22 10.47
CA PRO B 139 9.80 -8.31 10.96
C PRO B 139 10.49 -9.15 12.05
N TYR B 140 9.78 -9.45 13.12
CA TYR B 140 10.33 -10.29 14.15
C TYR B 140 10.05 -11.75 13.89
N SER B 141 11.07 -12.62 14.04
CA SER B 141 10.88 -14.07 13.94
C SER B 141 11.04 -14.63 15.34
N SER B 142 12.27 -14.64 15.85
CA SER B 142 12.57 -15.09 17.22
C SER B 142 13.75 -14.31 17.78
N MET B 143 14.00 -14.53 19.07
CA MET B 143 15.02 -13.80 19.80
C MET B 143 16.43 -14.15 19.35
N THR B 144 16.55 -15.24 18.62
CA THR B 144 17.82 -15.76 18.12
C THR B 144 18.10 -15.48 16.65
N ALA B 145 17.23 -14.72 15.96
CA ALA B 145 17.50 -14.35 14.59
C ALA B 145 18.47 -13.21 14.55
N ASP B 146 19.13 -13.07 13.41
CA ASP B 146 20.08 -12.00 13.21
C ASP B 146 19.35 -10.75 12.71
N TYR B 147 19.29 -9.72 13.56
CA TYR B 147 18.63 -8.47 13.20
C TYR B 147 19.63 -7.37 12.84
N LYS B 148 20.94 -7.68 12.91
CA LYS B 148 21.99 -6.67 12.79
C LYS B 148 21.85 -5.93 11.44
N GLY B 149 21.75 -4.61 11.49
CA GLY B 149 21.49 -3.81 10.28
C GLY B 149 20.10 -3.91 9.68
N LYS B 150 19.16 -4.59 10.34
CA LYS B 150 17.78 -4.59 9.85
C LYS B 150 16.95 -3.62 10.69
N GLY B 151 15.93 -3.06 10.06
CA GLY B 151 15.01 -2.13 10.69
C GLY B 151 15.66 -0.79 10.91
N TYR B 152 14.98 0.10 11.62
CA TYR B 152 15.39 1.47 11.79
C TYR B 152 15.98 1.67 13.18
N ASP B 153 17.25 2.10 13.23
CA ASP B 153 17.97 2.19 14.48
C ASP B 153 17.69 3.56 15.05
N GLN B 154 16.55 3.66 15.71
CA GLN B 154 16.10 4.95 16.31
C GLN B 154 17.10 5.51 17.35
N LEU B 155 17.60 4.66 18.22
CA LEU B 155 18.49 5.16 19.23
C LEU B 155 19.72 5.83 18.61
N GLN B 156 20.35 5.23 17.60
CA GLN B 156 21.54 5.82 17.02
CA GLN B 156 21.54 5.82 17.02
C GLN B 156 21.17 7.01 16.18
N GLN B 157 20.00 6.97 15.53
CA GLN B 157 19.53 8.15 14.83
CA GLN B 157 19.56 8.15 14.84
C GLN B 157 19.30 9.33 15.79
N CYS B 158 18.78 9.07 16.99
CA CYS B 158 18.56 10.19 17.93
C CYS B 158 19.91 10.74 18.33
N ILE B 159 20.86 9.85 18.63
CA ILE B 159 22.22 10.29 18.95
C ILE B 159 22.87 11.16 17.87
N LYS B 160 22.78 10.70 16.61
CA LYS B 160 23.29 11.46 15.51
C LYS B 160 22.62 12.82 15.43
N MET B 161 21.30 12.88 15.60
CA MET B 161 20.63 14.18 15.47
C MET B 161 21.04 15.12 16.61
N ILE B 162 21.15 14.59 17.80
CA ILE B 162 21.60 15.43 18.91
C ILE B 162 23.01 16.03 18.60
N ARG B 163 23.89 15.25 17.99
CA ARG B 163 25.25 15.71 17.65
C ARG B 163 25.26 16.68 16.48
N GLU B 164 24.40 16.42 15.49
CA GLU B 164 24.50 17.10 14.19
C GLU B 164 23.44 18.16 13.98
N GLU B 165 22.29 17.97 14.60
CA GLU B 165 21.21 18.87 14.44
C GLU B 165 20.49 19.10 15.78
N PRO B 166 21.23 19.59 16.81
CA PRO B 166 20.70 19.67 18.17
C PRO B 166 19.39 20.48 18.30
N GLU B 167 19.20 21.44 17.42
CA GLU B 167 17.99 22.29 17.47
C GLU B 167 16.69 21.54 16.99
N SER B 168 16.84 20.36 16.42
CA SER B 168 15.69 19.68 15.82
C SER B 168 14.54 19.40 16.81
N ARG B 169 13.29 19.59 16.33
CA ARG B 169 12.14 19.26 17.11
C ARG B 169 11.56 17.84 16.82
N ARG B 170 12.34 17.04 16.12
CA ARG B 170 11.97 15.73 15.61
C ARG B 170 12.89 14.63 16.17
N ILE B 171 13.48 14.81 17.36
CA ILE B 171 14.42 13.76 17.91
C ILE B 171 13.59 12.79 18.71
N ILE B 172 13.10 11.76 18.06
CA ILE B 172 12.02 10.93 18.61
C ILE B 172 12.41 9.50 18.60
N MET B 173 12.03 8.79 19.62
CA MET B 173 12.21 7.35 19.62
C MET B 173 10.89 6.72 20.08
N THR B 174 10.25 5.93 19.21
CA THR B 174 9.03 5.29 19.58
C THR B 174 9.21 3.81 19.94
N ALA B 175 8.42 3.32 20.90
CA ALA B 175 8.35 1.87 21.14
C ALA B 175 7.05 1.25 20.74
N TRP B 176 6.17 2.01 20.04
CA TRP B 176 4.86 1.57 19.78
C TRP B 176 4.68 1.25 18.32
N ASN B 177 4.57 -0.04 18.05
CA ASN B 177 4.22 -0.51 16.72
C ASN B 177 3.01 -1.42 16.75
N PRO B 178 1.86 -0.92 16.30
CA PRO B 178 0.64 -1.74 16.32
C PRO B 178 0.84 -3.07 15.61
N CYS B 179 1.66 -3.13 14.58
CA CYS B 179 1.86 -4.44 13.94
C CYS B 179 2.54 -5.48 14.83
N ASP B 180 3.17 -5.05 15.92
CA ASP B 180 3.91 -5.98 16.78
C ASP B 180 3.17 -6.34 18.05
N LEU B 181 1.97 -5.78 18.25
CA LEU B 181 1.32 -5.91 19.57
C LEU B 181 0.96 -7.36 19.90
N GLU B 182 0.64 -8.15 18.90
CA GLU B 182 0.22 -9.52 19.19
CA GLU B 182 0.24 -9.54 19.08
C GLU B 182 1.45 -10.45 19.36
N LYS B 183 2.66 -9.89 19.34
CA LYS B 183 3.88 -10.68 19.39
C LYS B 183 4.63 -10.64 20.67
N VAL B 184 4.14 -9.87 21.63
CA VAL B 184 4.82 -9.61 22.89
C VAL B 184 3.88 -9.99 23.99
N ALA B 185 4.39 -10.29 25.16
CA ALA B 185 3.53 -10.67 26.28
C ALA B 185 2.72 -9.47 26.77
N LEU B 186 3.39 -8.33 26.78
CA LEU B 186 2.78 -7.13 27.24
C LEU B 186 3.24 -6.00 26.36
N PRO B 187 2.28 -5.16 25.98
CA PRO B 187 2.59 -4.06 25.12
C PRO B 187 3.45 -3.04 25.90
N PRO B 188 4.33 -2.32 25.23
CA PRO B 188 5.22 -1.38 25.93
C PRO B 188 4.43 -0.38 26.76
N CYS B 189 4.87 -0.09 27.96
CA CYS B 189 4.26 0.99 28.80
C CYS B 189 4.91 2.35 28.59
N HIS B 190 6.22 2.38 28.50
CA HIS B 190 6.91 3.61 28.20
CA HIS B 190 6.92 3.64 28.16
C HIS B 190 7.09 3.71 26.66
N CYS B 191 6.18 4.45 26.01
CA CYS B 191 5.89 4.30 24.61
C CYS B 191 6.64 5.15 23.69
N PHE B 192 6.83 6.39 24.11
CA PHE B 192 7.24 7.46 23.22
C PHE B 192 8.27 8.37 23.98
N VAL B 193 9.38 8.68 23.33
CA VAL B 193 10.48 9.50 23.86
C VAL B 193 10.89 10.56 22.91
N GLN B 194 11.01 11.79 23.42
CA GLN B 194 11.53 12.91 22.69
C GLN B 194 12.72 13.56 23.40
N PHE B 195 13.78 13.84 22.65
CA PHE B 195 14.97 14.60 23.18
C PHE B 195 14.95 16.04 22.71
N TYR B 196 15.62 16.91 23.43
CA TYR B 196 15.57 18.35 23.18
C TYR B 196 16.86 18.93 23.63
N VAL B 197 17.41 19.87 22.85
CA VAL B 197 18.69 20.50 23.27
C VAL B 197 18.54 21.99 23.24
N ALA B 198 18.90 22.65 24.34
CA ALA B 198 18.93 24.07 24.41
C ALA B 198 20.02 24.57 25.37
N ASP B 199 20.74 25.62 24.96
CA ASP B 199 21.82 26.23 25.76
C ASP B 199 22.71 25.14 26.33
N GLY B 200 23.05 24.14 25.47
CA GLY B 200 24.07 23.16 25.78
C GLY B 200 23.64 22.03 26.73
N GLU B 201 22.35 21.90 26.94
CA GLU B 201 21.80 20.97 27.93
C GLU B 201 20.85 20.06 27.16
N LEU B 202 20.92 18.78 27.41
CA LEU B 202 20.00 17.80 26.86
C LEU B 202 18.88 17.47 27.80
N SER B 203 17.60 17.61 27.38
CA SER B 203 16.45 17.09 28.09
C SER B 203 15.71 15.97 27.36
N CYS B 204 14.96 15.18 28.13
CA CYS B 204 14.23 14.03 27.63
C CYS B 204 12.85 14.05 28.21
N GLN B 205 11.84 13.81 27.36
CA GLN B 205 10.45 13.65 27.79
C GLN B 205 10.08 12.25 27.36
N MET B 206 9.44 11.53 28.23
CA MET B 206 9.00 10.19 27.94
C MET B 206 7.50 10.14 28.24
N TYR B 207 6.77 9.57 27.31
CA TYR B 207 5.30 9.33 27.51
C TYR B 207 4.98 7.93 27.93
N GLN B 208 4.40 7.79 29.14
CA GLN B 208 4.06 6.50 29.67
C GLN B 208 2.51 6.32 29.64
N ARG B 209 2.03 5.40 28.85
CA ARG B 209 0.55 5.14 28.70
C ARG B 209 -0.11 4.62 29.95
N SER B 210 0.70 3.96 30.80
CA SER B 210 0.22 3.21 31.97
C SER B 210 1.29 3.18 33.04
N ALA B 211 1.03 3.76 34.20
CA ALA B 211 2.02 3.83 35.24
C ALA B 211 1.49 3.42 36.63
N ASP B 212 2.04 2.34 37.14
CA ASP B 212 1.80 1.86 38.49
C ASP B 212 2.65 2.74 39.44
N MET B 213 1.99 3.66 40.12
CA MET B 213 2.64 4.73 40.87
C MET B 213 3.49 4.14 42.01
N GLY B 214 3.09 2.99 42.54
CA GLY B 214 3.87 2.35 43.57
C GLY B 214 5.11 1.65 43.05
N LEU B 215 4.89 0.67 42.19
CA LEU B 215 5.93 -0.27 41.88
C LEU B 215 6.65 0.13 40.66
N GLY B 216 6.01 0.84 39.74
CA GLY B 216 6.68 1.15 38.52
C GLY B 216 7.34 2.51 38.37
N VAL B 217 6.62 3.57 38.68
CA VAL B 217 7.12 4.91 38.47
C VAL B 217 8.59 5.26 38.99
N PRO B 218 8.92 4.99 40.25
CA PRO B 218 10.28 5.25 40.75
C PRO B 218 11.35 4.61 39.89
N PHE B 219 11.10 3.38 39.50
CA PHE B 219 12.04 2.67 38.60
C PHE B 219 12.13 3.27 37.21
N ASN B 220 10.96 3.59 36.68
CA ASN B 220 10.80 4.19 35.38
C ASN B 220 11.48 5.56 35.27
N ILE B 221 11.36 6.37 36.30
CA ILE B 221 12.03 7.66 36.34
C ILE B 221 13.57 7.55 36.32
N ALA B 222 14.06 6.60 37.13
CA ALA B 222 15.48 6.30 37.19
C ALA B 222 16.02 5.80 35.81
N SER B 223 15.22 4.94 35.15
CA SER B 223 15.58 4.37 33.83
CA SER B 223 15.55 4.37 33.83
C SER B 223 15.82 5.50 32.80
N TYR B 224 14.82 6.35 32.62
CA TYR B 224 14.94 7.45 31.63
C TYR B 224 15.90 8.56 31.99
N SER B 225 16.05 8.83 33.29
CA SER B 225 17.06 9.76 33.75
C SER B 225 18.43 9.24 33.44
N LEU B 226 18.62 7.95 33.61
CA LEU B 226 19.92 7.37 33.35
C LEU B 226 20.21 7.36 31.85
N LEU B 227 19.20 7.01 31.04
CA LEU B 227 19.38 7.08 29.61
C LEU B 227 19.79 8.50 29.17
N THR B 228 19.15 9.49 29.76
CA THR B 228 19.44 10.90 29.44
C THR B 228 20.91 11.26 29.81
N ARG B 229 21.35 10.80 30.98
CA ARG B 229 22.73 10.96 31.40
C ARG B 229 23.70 10.30 30.44
N MET B 230 23.40 9.10 30.00
CA MET B 230 24.26 8.35 29.08
C MET B 230 24.41 9.12 27.74
N ILE B 231 23.29 9.59 27.19
CA ILE B 231 23.35 10.20 25.89
C ILE B 231 24.06 11.54 26.01
N ALA B 232 23.78 12.28 27.08
CA ALA B 232 24.42 13.58 27.34
C ALA B 232 25.97 13.40 27.40
N HIS B 233 26.33 12.31 28.04
CA HIS B 233 27.71 12.00 28.23
C HIS B 233 28.42 11.72 26.89
N ILE B 234 27.85 10.86 26.07
CA ILE B 234 28.49 10.61 24.76
C ILE B 234 28.37 11.75 23.70
N THR B 235 27.50 12.73 23.94
CA THR B 235 27.33 13.84 23.01
C THR B 235 27.96 15.14 23.55
N SER B 236 28.72 15.02 24.63
CA SER B 236 29.40 16.16 25.28
C SER B 236 28.45 17.30 25.57
N LEU B 237 27.26 16.95 26.05
CA LEU B 237 26.29 17.96 26.55
C LEU B 237 26.12 17.84 28.05
N LYS B 238 25.59 18.90 28.65
CA LYS B 238 25.15 18.83 30.02
C LYS B 238 23.72 18.27 30.13
N PRO B 239 23.50 17.51 31.17
CA PRO B 239 22.14 16.99 31.40
C PRO B 239 21.23 18.12 31.80
N GLY B 240 19.99 18.18 31.29
CA GLY B 240 19.06 19.22 31.73
C GLY B 240 17.93 18.69 32.60
N PHE B 241 16.78 18.39 32.00
CA PHE B 241 15.63 17.80 32.62
C PHE B 241 15.15 16.49 32.04
N PHE B 242 14.62 15.66 32.94
CA PHE B 242 13.77 14.52 32.53
C PHE B 242 12.34 14.91 32.84
N ILE B 243 11.49 14.87 31.84
CA ILE B 243 10.03 15.17 32.00
C ILE B 243 9.24 13.91 31.75
N HIS B 244 8.45 13.54 32.72
CA HIS B 244 7.70 12.29 32.70
C HIS B 244 6.24 12.58 32.53
N THR B 245 5.68 12.18 31.40
CA THR B 245 4.26 12.38 31.11
C THR B 245 3.55 11.02 31.16
N ILE B 246 2.42 10.98 31.89
CA ILE B 246 1.70 9.70 32.05
C ILE B 246 0.27 9.81 31.54
N GLY B 247 -0.23 8.70 30.95
CA GLY B 247 -1.60 8.54 30.61
C GLY B 247 -2.38 8.06 31.84
N ASP B 248 -2.58 6.76 31.95
CA ASP B 248 -3.26 6.25 33.16
C ASP B 248 -2.32 6.09 34.35
N ALA B 249 -2.34 7.02 35.30
CA ALA B 249 -1.50 6.98 36.50
C ALA B 249 -2.36 6.35 37.60
N HIS B 250 -1.93 5.23 38.17
CA HIS B 250 -2.76 4.45 39.05
C HIS B 250 -2.06 3.89 40.23
N VAL B 251 -2.82 3.66 41.28
CA VAL B 251 -2.36 2.81 42.38
C VAL B 251 -3.24 1.60 42.52
N TYR B 252 -2.62 0.41 42.68
CA TYR B 252 -3.39 -0.81 42.92
C TYR B 252 -3.95 -0.76 44.33
N LEU B 253 -5.18 -1.23 44.49
CA LEU B 253 -5.87 -1.07 45.76
C LEU B 253 -5.09 -1.80 46.85
N THR B 254 -4.40 -2.88 46.48
CA THR B 254 -3.69 -3.71 47.44
C THR B 254 -2.43 -3.01 47.97
N HIS B 255 -1.95 -2.00 47.25
CA HIS B 255 -0.76 -1.26 47.59
C HIS B 255 -1.01 -0.08 48.54
N VAL B 256 -2.26 0.30 48.76
CA VAL B 256 -2.57 1.59 49.39
C VAL B 256 -2.03 1.71 50.83
N ASP B 257 -2.19 0.66 51.62
CA ASP B 257 -1.69 0.77 53.01
C ASP B 257 -0.20 0.96 53.09
N ALA B 258 0.52 0.31 52.18
CA ALA B 258 1.96 0.40 52.14
C ALA B 258 2.44 1.75 51.60
N LEU B 259 1.68 2.27 50.63
CA LEU B 259 1.99 3.60 50.12
C LEU B 259 1.68 4.65 51.17
N LYS B 260 0.69 4.37 52.01
CA LYS B 260 0.38 5.21 53.18
C LYS B 260 1.58 5.40 54.11
N VAL B 261 2.27 4.31 54.40
CA VAL B 261 3.48 4.35 55.15
C VAL B 261 4.55 5.22 54.47
N GLN B 262 4.74 4.98 53.18
CA GLN B 262 5.76 5.69 52.44
C GLN B 262 5.47 7.18 52.47
N MET B 263 4.20 7.57 52.39
CA MET B 263 3.88 8.97 52.35
C MET B 263 4.17 9.71 53.64
N GLU B 264 4.41 9.01 54.74
CA GLU B 264 4.70 9.72 55.98
C GLU B 264 6.17 9.94 56.14
N ARG B 265 6.97 9.44 55.19
CA ARG B 265 8.41 9.57 55.31
C ARG B 265 8.84 10.89 54.71
N LYS B 266 9.89 11.42 55.31
CA LYS B 266 10.48 12.66 54.88
C LYS B 266 11.56 12.40 53.84
N PRO B 267 11.36 12.91 52.63
CA PRO B 267 12.36 12.67 51.59
C PRO B 267 13.71 13.27 51.92
N ARG B 268 14.75 12.54 51.55
CA ARG B 268 16.08 12.98 51.66
C ARG B 268 16.55 13.61 50.39
N PRO B 269 17.70 14.33 50.45
CA PRO B 269 18.24 14.81 49.15
C PRO B 269 18.55 13.61 48.21
N PHE B 270 18.35 13.85 46.93
CA PHE B 270 18.65 12.82 45.95
C PHE B 270 20.15 12.57 45.97
N PRO B 271 20.55 11.36 45.55
CA PRO B 271 21.98 11.12 45.29
C PRO B 271 22.48 11.88 44.02
N LYS B 272 23.80 11.87 43.86
CA LYS B 272 24.46 12.26 42.64
CA LYS B 272 24.42 12.26 42.63
C LYS B 272 24.85 11.01 41.84
N LEU B 273 24.93 11.14 40.52
CA LEU B 273 25.37 10.02 39.68
C LEU B 273 26.58 10.51 38.89
N LYS B 274 27.69 9.79 39.02
CA LYS B 274 28.89 10.05 38.28
C LYS B 274 29.11 8.95 37.25
N ILE B 275 29.64 9.32 36.10
CA ILE B 275 30.05 8.36 35.09
C ILE B 275 31.59 8.30 35.16
N LEU B 276 32.13 7.11 35.33
CA LEU B 276 33.53 6.97 35.77
C LEU B 276 34.60 6.90 34.68
N ARG B 277 34.20 6.73 33.44
CA ARG B 277 35.12 6.83 32.33
CA ARG B 277 35.10 6.78 32.31
C ARG B 277 34.50 7.48 31.12
N ASN B 278 35.36 7.84 30.19
CA ASN B 278 34.93 8.38 28.92
C ASN B 278 34.38 7.30 28.01
N VAL B 279 33.14 7.43 27.61
CA VAL B 279 32.51 6.43 26.78
C VAL B 279 32.12 7.19 25.49
N GLU B 280 32.36 6.60 24.32
CA GLU B 280 32.19 7.31 23.06
CA GLU B 280 32.16 7.33 23.07
C GLU B 280 30.86 6.99 22.42
N ASN B 281 30.38 5.78 22.63
CA ASN B 281 29.11 5.45 21.98
C ASN B 281 28.23 4.67 22.86
N ILE B 282 26.96 4.65 22.49
CA ILE B 282 25.91 4.20 23.36
C ILE B 282 26.04 2.75 23.74
N ASP B 283 26.58 1.91 22.88
CA ASP B 283 26.68 0.50 23.15
C ASP B 283 27.90 0.15 24.01
N ASP B 284 28.75 1.10 24.34
CA ASP B 284 30.03 0.83 25.02
C ASP B 284 29.97 0.95 26.58
N PHE B 285 28.84 1.28 27.14
CA PHE B 285 28.72 1.40 28.60
C PHE B 285 28.71 0.04 29.30
N ARG B 286 29.28 -0.03 30.51
CA ARG B 286 29.13 -1.18 31.40
C ARG B 286 28.53 -0.74 32.72
N ALA B 287 27.88 -1.66 33.41
CA ALA B 287 27.29 -1.37 34.73
C ALA B 287 28.20 -0.64 35.67
N GLU B 288 29.48 -1.00 35.63
CA GLU B 288 30.49 -0.41 36.54
C GLU B 288 30.90 0.99 36.14
N ASP B 289 30.38 1.49 35.02
CA ASP B 289 30.65 2.87 34.64
C ASP B 289 29.92 3.89 35.49
N PHE B 290 28.98 3.48 36.32
CA PHE B 290 28.10 4.38 37.02
C PHE B 290 28.30 4.30 38.52
N GLU B 291 28.35 5.47 39.14
CA GLU B 291 28.60 5.52 40.56
C GLU B 291 27.56 6.41 41.18
N LEU B 292 26.76 5.87 42.05
CA LEU B 292 25.79 6.69 42.83
C LEU B 292 26.44 7.21 44.07
N ILE B 293 26.40 8.52 44.31
CA ILE B 293 27.01 9.14 45.46
CA ILE B 293 27.00 9.08 45.48
C ILE B 293 25.94 9.51 46.50
N ASN B 294 26.02 8.92 47.67
CA ASN B 294 25.21 9.35 48.78
C ASN B 294 23.70 9.03 48.54
N TYR B 295 23.38 7.84 48.08
CA TYR B 295 22.02 7.39 48.04
C TYR B 295 21.70 6.88 49.41
N LYS B 296 20.72 7.49 50.06
CA LYS B 296 20.40 7.21 51.48
C LYS B 296 18.94 6.92 51.64
N PRO B 297 18.44 5.87 50.97
CA PRO B 297 17.01 5.61 51.02
C PRO B 297 16.57 5.05 52.35
N TYR B 298 15.28 5.20 52.66
CA TYR B 298 14.62 4.50 53.77
C TYR B 298 14.52 3.07 53.31
N PRO B 299 14.12 2.17 54.21
CA PRO B 299 13.99 0.78 53.73
C PRO B 299 12.97 0.50 52.58
N LYS B 300 13.24 -0.58 51.87
CA LYS B 300 12.37 -1.05 50.82
C LYS B 300 10.98 -1.30 51.37
N ILE B 301 9.99 -1.13 50.51
CA ILE B 301 8.60 -1.39 50.82
C ILE B 301 8.09 -2.45 49.82
N SER B 302 7.56 -3.56 50.37
CA SER B 302 6.97 -4.68 49.62
C SER B 302 5.51 -4.39 49.29
N MET B 303 5.13 -4.55 48.03
CA MET B 303 3.74 -4.39 47.65
C MET B 303 3.34 -5.49 46.65
N PRO B 304 2.28 -6.29 46.94
CA PRO B 304 1.80 -7.29 45.95
C PRO B 304 1.89 -6.85 44.48
N TYR C 18 12.28 0.32 -53.52
CA TYR C 18 11.93 0.25 -52.06
C TYR C 18 10.79 -0.75 -51.83
N VAL C 19 10.88 -1.46 -50.73
CA VAL C 19 9.99 -2.55 -50.47
C VAL C 19 9.36 -2.30 -49.10
N ASN C 20 8.04 -2.21 -49.08
CA ASN C 20 7.36 -2.11 -47.81
C ASN C 20 7.11 -3.47 -47.25
N GLN C 21 8.07 -3.97 -46.48
CA GLN C 21 8.03 -5.32 -46.02
C GLN C 21 6.92 -5.54 -45.01
N GLU C 22 6.65 -4.58 -44.13
CA GLU C 22 5.53 -4.74 -43.24
C GLU C 22 4.20 -4.94 -43.98
N GLU C 23 3.96 -4.16 -45.00
CA GLU C 23 2.71 -4.32 -45.70
C GLU C 23 2.67 -5.60 -46.54
N LEU C 24 3.78 -5.94 -47.15
CA LEU C 24 3.94 -7.23 -47.82
C LEU C 24 3.59 -8.41 -46.94
N ASN C 25 4.07 -8.32 -45.69
CA ASN C 25 3.84 -9.29 -44.69
C ASN C 25 2.37 -9.48 -44.47
N TYR C 26 1.63 -8.40 -44.41
CA TYR C 26 0.19 -8.43 -44.20
C TYR C 26 -0.53 -9.08 -45.41
N LEU C 27 -0.03 -8.72 -46.58
CA LEU C 27 -0.55 -9.27 -47.82
C LEU C 27 -0.22 -10.79 -47.93
N ASN C 28 0.96 -11.20 -47.46
CA ASN C 28 1.28 -12.67 -47.40
C ASN C 28 0.39 -13.40 -46.38
N GLN C 29 0.06 -12.76 -45.27
CA GLN C 29 -0.88 -13.30 -44.31
CA GLN C 29 -0.89 -13.32 -44.32
C GLN C 29 -2.28 -13.46 -44.95
N LEU C 30 -2.73 -12.43 -45.69
CA LEU C 30 -4.01 -12.56 -46.39
C LEU C 30 -3.99 -13.79 -47.27
N LYS C 31 -2.92 -13.92 -48.08
CA LYS C 31 -2.82 -15.04 -48.98
C LYS C 31 -2.87 -16.41 -48.29
N ASP C 32 -2.09 -16.53 -47.22
CA ASP C 32 -1.98 -17.77 -46.46
CA ASP C 32 -1.98 -17.79 -46.51
C ASP C 32 -3.32 -18.21 -45.86
N ILE C 33 -4.14 -17.23 -45.46
CA ILE C 33 -5.49 -17.49 -44.89
C ILE C 33 -6.48 -17.95 -45.98
N ILE C 34 -6.45 -17.25 -47.11
CA ILE C 34 -7.20 -17.64 -48.32
C ILE C 34 -6.82 -18.98 -48.89
N ASP C 35 -5.53 -19.26 -48.97
CA ASP C 35 -5.07 -20.51 -49.54
C ASP C 35 -5.19 -21.71 -48.62
N HIS C 36 -5.03 -21.49 -47.32
CA HIS C 36 -4.87 -22.59 -46.41
C HIS C 36 -5.71 -22.46 -45.16
N GLY C 37 -6.48 -21.39 -45.02
CA GLY C 37 -7.26 -21.23 -43.83
C GLY C 37 -8.35 -22.29 -43.77
N VAL C 38 -8.81 -22.56 -42.58
CA VAL C 38 -9.89 -23.52 -42.44
C VAL C 38 -11.20 -22.79 -42.61
N ARG C 39 -12.12 -23.47 -43.24
CA ARG C 39 -13.48 -23.03 -43.36
C ARG C 39 -14.14 -23.15 -42.02
N LYS C 40 -14.78 -22.05 -41.59
CA LYS C 40 -15.51 -21.93 -40.34
C LYS C 40 -16.83 -21.19 -40.62
N ASN C 41 -17.96 -21.68 -40.15
CA ASN C 41 -19.18 -20.86 -40.21
C ASN C 41 -19.51 -20.10 -38.96
N ASP C 42 -19.45 -18.78 -39.08
CA ASP C 42 -19.42 -17.91 -37.94
C ASP C 42 -20.82 -17.53 -37.43
N ARG C 43 -20.83 -16.60 -36.49
CA ARG C 43 -22.06 -16.07 -35.90
C ARG C 43 -22.89 -15.33 -36.96
N THR C 44 -22.27 -14.43 -37.75
CA THR C 44 -23.03 -13.66 -38.75
C THR C 44 -23.63 -14.57 -39.84
N GLY C 45 -23.26 -15.85 -39.84
CA GLY C 45 -23.93 -16.87 -40.65
C GLY C 45 -23.21 -17.12 -41.96
N ILE C 46 -22.32 -16.19 -42.33
CA ILE C 46 -21.59 -16.40 -43.56
C ILE C 46 -20.26 -17.05 -43.23
N GLY C 47 -19.64 -17.66 -44.21
CA GLY C 47 -18.39 -18.34 -44.02
C GLY C 47 -17.17 -17.44 -43.86
N THR C 48 -16.16 -17.97 -43.20
CA THR C 48 -14.86 -17.38 -43.12
C THR C 48 -13.86 -18.47 -43.44
N LEU C 49 -12.69 -18.01 -43.89
CA LEU C 49 -11.48 -18.78 -43.93
C LEU C 49 -10.67 -18.20 -42.75
N SER C 50 -10.14 -19.10 -41.92
CA SER C 50 -9.65 -18.71 -40.59
C SER C 50 -8.31 -19.42 -40.26
N THR C 51 -7.48 -18.71 -39.51
CA THR C 51 -6.30 -19.28 -38.82
C THR C 51 -6.29 -18.74 -37.39
N PHE C 52 -5.72 -19.52 -36.48
CA PHE C 52 -5.66 -19.16 -35.08
C PHE C 52 -4.24 -18.89 -34.63
N GLY C 53 -3.95 -17.69 -34.16
CA GLY C 53 -2.67 -17.36 -33.54
C GLY C 53 -1.63 -16.80 -34.47
N THR C 54 -1.58 -15.46 -34.55
CA THR C 54 -0.63 -14.79 -35.43
C THR C 54 -0.05 -13.62 -34.67
N GLN C 55 1.12 -13.14 -35.12
CA GLN C 55 1.81 -12.02 -34.52
C GLN C 55 2.63 -11.20 -35.59
N SER C 56 2.43 -9.92 -35.60
CA SER C 56 3.09 -9.03 -36.53
C SER C 56 3.60 -7.83 -35.81
N ARG C 57 4.70 -7.27 -36.30
CA ARG C 57 5.37 -6.17 -35.69
C ARG C 57 5.40 -4.99 -36.71
N TYR C 58 5.16 -3.81 -36.20
CA TYR C 58 5.18 -2.60 -36.98
C TYR C 58 6.13 -1.61 -36.32
N CYS C 59 7.13 -1.13 -37.08
CA CYS C 59 8.14 -0.25 -36.52
C CYS C 59 7.69 1.20 -36.62
N LEU C 60 7.65 1.91 -35.47
CA LEU C 60 7.20 3.30 -35.39
C LEU C 60 8.35 4.33 -35.34
N ARG C 61 9.56 3.90 -35.62
CA ARG C 61 10.72 4.75 -35.50
C ARG C 61 10.70 5.79 -36.64
N ASP C 62 11.45 6.87 -36.48
CA ASP C 62 11.58 7.93 -37.50
C ASP C 62 10.23 8.50 -37.96
N ASP C 63 9.26 8.45 -37.06
CA ASP C 63 7.87 8.90 -37.29
C ASP C 63 7.07 8.09 -38.30
N ILE C 64 7.63 7.02 -38.81
CA ILE C 64 6.94 6.21 -39.81
C ILE C 64 5.69 5.59 -39.21
N PHE C 65 4.61 5.60 -39.95
CA PHE C 65 3.33 5.24 -39.38
C PHE C 65 2.62 4.22 -40.24
N PRO C 66 2.30 3.01 -39.67
CA PRO C 66 1.80 1.85 -40.47
C PRO C 66 0.32 1.93 -40.96
N LEU C 67 0.07 2.90 -41.81
CA LEU C 67 -1.23 3.03 -42.41
C LEU C 67 -1.13 2.42 -43.77
N LEU C 68 -1.90 1.37 -44.00
CA LEU C 68 -1.70 0.58 -45.24
C LEU C 68 -1.97 1.39 -46.50
N THR C 69 -1.16 1.06 -47.51
CA THR C 69 -1.17 1.79 -48.78
C THR C 69 -1.89 1.05 -49.89
N THR C 70 -2.13 -0.26 -49.75
CA THR C 70 -2.79 -1.01 -50.84
C THR C 70 -4.32 -0.81 -50.89
N LYS C 71 -4.86 -0.12 -49.87
CA LYS C 71 -6.19 0.45 -49.94
C LYS C 71 -6.30 1.63 -48.96
N ARG C 72 -7.11 2.63 -49.27
CA ARG C 72 -7.27 3.81 -48.40
C ARG C 72 -7.91 3.39 -47.09
N VAL C 73 -7.14 3.55 -46.02
CA VAL C 73 -7.69 3.31 -44.70
C VAL C 73 -8.42 4.58 -44.18
N PHE C 74 -9.53 4.40 -43.46
CA PHE C 74 -10.40 5.45 -42.91
C PHE C 74 -9.73 6.17 -41.72
N TRP C 75 -8.62 6.87 -42.01
CA TRP C 75 -7.83 7.56 -41.00
C TRP C 75 -8.62 8.49 -40.11
N ARG C 76 -9.47 9.32 -40.70
CA ARG C 76 -10.24 10.27 -39.93
C ARG C 76 -11.13 9.53 -38.90
N GLY C 77 -11.65 8.34 -39.27
CA GLY C 77 -12.37 7.49 -38.33
C GLY C 77 -11.50 6.95 -37.20
N VAL C 78 -10.33 6.53 -37.57
CA VAL C 78 -9.34 5.98 -36.57
C VAL C 78 -9.11 7.08 -35.49
N VAL C 79 -8.86 8.32 -35.93
CA VAL C 79 -8.52 9.38 -35.02
C VAL C 79 -9.70 9.73 -34.16
N GLU C 80 -10.87 9.99 -34.73
CA GLU C 80 -12.04 10.41 -33.91
C GLU C 80 -12.49 9.29 -32.98
N GLU C 81 -12.45 8.04 -33.43
CA GLU C 81 -12.84 6.93 -32.54
C GLU C 81 -11.90 6.82 -31.37
N LEU C 82 -10.62 6.96 -31.62
CA LEU C 82 -9.67 6.84 -30.48
C LEU C 82 -9.80 7.92 -29.45
N LEU C 83 -9.94 9.17 -29.88
CA LEU C 83 -10.19 10.26 -28.97
C LEU C 83 -11.45 10.03 -28.18
N TRP C 84 -12.43 9.43 -28.84
CA TRP C 84 -13.72 9.13 -28.21
C TRP C 84 -13.55 8.06 -27.11
N PHE C 85 -12.78 7.02 -27.40
CA PHE C 85 -12.43 5.93 -26.42
C PHE C 85 -11.72 6.57 -25.20
N ILE C 86 -10.70 7.40 -25.44
CA ILE C 86 -9.91 8.02 -24.43
C ILE C 86 -10.83 8.81 -23.55
N SER C 87 -11.83 9.49 -24.13
CA SER C 87 -12.73 10.29 -23.38
C SER C 87 -13.55 9.48 -22.38
N GLY C 88 -13.57 8.17 -22.48
CA GLY C 88 -14.42 7.40 -21.63
C GLY C 88 -15.83 7.30 -22.07
N SER C 89 -16.19 7.94 -23.17
CA SER C 89 -17.58 7.87 -23.69
C SER C 89 -18.06 6.51 -24.20
N THR C 90 -19.34 6.25 -24.01
CA THR C 90 -20.03 5.11 -24.55
C THR C 90 -21.24 5.52 -25.41
N ASN C 91 -21.26 6.81 -25.78
CA ASN C 91 -22.37 7.36 -26.55
C ASN C 91 -21.95 7.50 -28.00
N ALA C 92 -22.47 6.62 -28.85
CA ALA C 92 -22.17 6.67 -30.31
C ALA C 92 -22.54 7.99 -31.00
N LYS C 93 -23.45 8.74 -30.41
CA LYS C 93 -23.90 10.02 -31.01
C LYS C 93 -22.78 11.02 -30.98
N GLN C 94 -21.92 10.93 -29.96
CA GLN C 94 -20.76 11.81 -29.88
C GLN C 94 -19.80 11.61 -31.05
N LEU C 95 -19.84 10.45 -31.68
CA LEU C 95 -19.00 10.12 -32.83
C LEU C 95 -19.69 10.45 -34.12
N SER C 96 -20.95 10.02 -34.19
CA SER C 96 -21.84 10.30 -35.26
C SER C 96 -21.83 11.80 -35.57
N GLU C 97 -21.79 12.62 -34.52
CA GLU C 97 -21.77 14.10 -34.63
C GLU C 97 -20.51 14.57 -35.36
N LYS C 98 -19.42 13.82 -35.25
CA LYS C 98 -18.19 14.11 -35.94
C LYS C 98 -18.14 13.43 -37.30
N ASN C 99 -19.29 13.04 -37.85
CA ASN C 99 -19.39 12.34 -39.15
C ASN C 99 -18.61 11.08 -39.25
N VAL C 100 -18.62 10.33 -38.17
CA VAL C 100 -18.00 9.03 -38.11
C VAL C 100 -19.12 8.09 -37.64
N ASN C 101 -19.56 7.21 -38.52
CA ASN C 101 -20.81 6.49 -38.27
C ASN C 101 -20.58 5.03 -37.96
N ILE C 102 -19.36 4.70 -37.64
CA ILE C 102 -18.98 3.29 -37.53
C ILE C 102 -19.71 2.54 -36.39
N TRP C 103 -20.13 3.25 -35.36
CA TRP C 103 -20.87 2.64 -34.25
C TRP C 103 -22.41 2.81 -34.32
N ASP C 104 -22.94 3.35 -35.43
CA ASP C 104 -24.38 3.61 -35.52
C ASP C 104 -25.25 2.34 -35.63
N GLY C 105 -24.84 1.40 -36.47
CA GLY C 105 -25.62 0.18 -36.65
C GLY C 105 -25.77 -0.60 -35.35
N ASN C 106 -24.68 -0.66 -34.59
CA ASN C 106 -24.69 -1.37 -33.30
C ASN C 106 -25.27 -0.62 -32.12
N SER C 107 -25.75 0.59 -32.36
CA SER C 107 -26.43 1.35 -31.29
C SER C 107 -27.84 1.86 -31.68
N SER C 108 -28.42 1.28 -32.74
CA SER C 108 -29.79 1.61 -33.18
C SER C 108 -30.81 1.03 -32.23
N ARG C 109 -31.93 1.74 -32.03
CA ARG C 109 -33.06 1.25 -31.21
C ARG C 109 -33.29 -0.24 -31.46
N GLU C 110 -33.39 -0.58 -32.74
CA GLU C 110 -33.66 -1.93 -33.21
C GLU C 110 -32.57 -2.89 -32.78
N PHE C 111 -31.30 -2.54 -33.01
CA PHE C 111 -30.20 -3.42 -32.60
C PHE C 111 -30.15 -3.62 -31.08
N LEU C 112 -30.37 -2.54 -30.32
CA LEU C 112 -30.34 -2.62 -28.87
C LEU C 112 -31.46 -3.50 -28.29
N ASP C 113 -32.63 -3.51 -28.93
CA ASP C 113 -33.75 -4.36 -28.50
C ASP C 113 -33.52 -5.83 -28.78
N SER C 114 -32.65 -6.13 -29.73
CA SER C 114 -32.34 -7.50 -30.09
C SER C 114 -31.26 -8.04 -29.15
N ARG C 115 -30.45 -7.16 -28.60
CA ARG C 115 -29.57 -7.52 -27.49
C ARG C 115 -30.34 -7.50 -26.15
N GLY C 116 -31.67 -7.37 -26.19
CA GLY C 116 -32.45 -7.27 -24.96
C GLY C 116 -32.13 -6.05 -24.12
N LEU C 117 -31.50 -5.04 -24.73
CA LEU C 117 -31.15 -3.79 -24.04
C LEU C 117 -32.25 -2.74 -24.26
N TYR C 118 -33.46 -3.07 -23.79
CA TYR C 118 -34.69 -2.30 -24.13
C TYR C 118 -34.71 -0.96 -23.41
N ASN C 119 -34.00 -0.90 -22.29
CA ASN C 119 -33.88 0.31 -21.47
CA ASN C 119 -33.91 0.34 -21.48
C ASN C 119 -32.72 1.25 -21.88
N TYR C 120 -31.85 0.83 -22.82
CA TYR C 120 -30.79 1.75 -23.33
C TYR C 120 -31.37 2.72 -24.37
N GLU C 121 -31.02 4.00 -24.27
CA GLU C 121 -31.40 4.98 -25.29
C GLU C 121 -30.55 4.79 -26.54
N GLU C 122 -31.12 5.14 -27.69
CA GLU C 122 -30.43 5.01 -28.97
C GLU C 122 -29.11 5.70 -28.83
N GLY C 123 -28.04 5.07 -29.29
CA GLY C 123 -26.69 5.54 -29.02
C GLY C 123 -25.92 4.84 -27.88
N ASP C 124 -26.66 4.29 -26.91
CA ASP C 124 -26.01 3.81 -25.68
C ASP C 124 -25.48 2.46 -25.98
N LEU C 125 -24.16 2.36 -26.00
CA LEU C 125 -23.49 1.13 -26.35
C LEU C 125 -23.22 0.22 -25.18
N GLY C 126 -23.55 0.65 -23.96
CA GLY C 126 -23.11 -0.03 -22.78
C GLY C 126 -21.60 0.15 -22.53
N PRO C 127 -21.03 -0.62 -21.56
CA PRO C 127 -19.67 -0.29 -21.20
C PRO C 127 -18.64 -0.87 -22.13
N VAL C 128 -18.50 -0.24 -23.27
CA VAL C 128 -17.55 -0.63 -24.23
C VAL C 128 -16.17 -0.04 -23.85
N TYR C 129 -15.27 -0.10 -24.81
CA TYR C 129 -13.87 0.23 -24.61
C TYR C 129 -13.60 1.42 -23.72
N GLY C 130 -14.17 2.57 -24.01
CA GLY C 130 -13.76 3.80 -23.29
C GLY C 130 -14.08 3.69 -21.81
N PHE C 131 -15.20 3.07 -21.50
CA PHE C 131 -15.63 2.84 -20.13
C PHE C 131 -14.67 1.94 -19.45
N GLN C 132 -14.28 0.87 -20.12
CA GLN C 132 -13.36 -0.14 -19.54
C GLN C 132 -11.96 0.44 -19.32
N TRP C 133 -11.50 1.26 -20.25
CA TRP C 133 -10.20 1.90 -20.11
C TRP C 133 -10.15 2.93 -18.93
N ARG C 134 -11.21 3.70 -18.75
CA ARG C 134 -11.22 4.81 -17.78
C ARG C 134 -11.91 4.50 -16.45
N HIS C 135 -12.77 3.49 -16.42
CA HIS C 135 -13.71 3.29 -15.34
C HIS C 135 -13.87 1.79 -15.02
N PHE C 136 -12.82 1.00 -15.23
CA PHE C 136 -12.94 -0.41 -15.05
C PHE C 136 -13.54 -0.78 -13.71
N GLY C 137 -14.55 -1.64 -13.77
CA GLY C 137 -15.15 -2.26 -12.56
C GLY C 137 -16.23 -1.42 -11.88
N CYS C 138 -16.50 -0.24 -12.37
CA CYS C 138 -17.55 0.59 -11.88
C CYS C 138 -18.85 0.08 -12.52
N PRO C 139 -19.91 -0.10 -11.71
CA PRO C 139 -21.13 -0.61 -12.32
C PRO C 139 -21.72 0.42 -13.32
N TYR C 140 -22.15 -0.05 -14.47
CA TYR C 140 -22.65 0.84 -15.50
C TYR C 140 -24.13 0.94 -15.34
N SER C 141 -24.68 2.15 -15.49
CA SER C 141 -26.12 2.39 -15.48
C SER C 141 -26.53 2.81 -16.90
N SER C 142 -26.10 4.00 -17.30
CA SER C 142 -26.26 4.46 -18.69
C SER C 142 -25.13 5.40 -19.08
N MET C 143 -25.19 5.83 -20.34
CA MET C 143 -24.17 6.67 -20.94
C MET C 143 -24.17 8.09 -20.43
N THR C 144 -25.24 8.53 -19.78
CA THR C 144 -25.33 9.91 -19.28
C THR C 144 -24.96 10.09 -17.82
N ALA C 145 -24.87 8.99 -17.07
CA ALA C 145 -24.49 9.02 -15.66
C ALA C 145 -23.08 9.55 -15.49
N ASP C 146 -22.79 10.09 -14.32
CA ASP C 146 -21.45 10.60 -14.04
C ASP C 146 -20.51 9.50 -13.50
N TYR C 147 -19.42 9.26 -14.22
CA TYR C 147 -18.45 8.25 -13.83
C TYR C 147 -17.11 8.85 -13.43
N LYS C 148 -17.01 10.18 -13.43
CA LYS C 148 -15.81 10.89 -12.96
C LYS C 148 -15.29 10.37 -11.61
N GLY C 149 -14.04 9.96 -11.59
CA GLY C 149 -13.42 9.43 -10.39
C GLY C 149 -13.85 8.03 -9.96
N LYS C 150 -14.65 7.32 -10.78
CA LYS C 150 -15.18 5.99 -10.36
C LYS C 150 -14.55 4.87 -11.23
N GLY C 151 -14.50 3.66 -10.68
CA GLY C 151 -13.72 2.58 -11.25
C GLY C 151 -12.25 2.85 -11.40
N TYR C 152 -11.59 1.98 -12.11
CA TYR C 152 -10.14 1.97 -12.15
C TYR C 152 -9.65 2.59 -13.45
N ASP C 153 -8.84 3.65 -13.36
CA ASP C 153 -8.48 4.43 -14.58
C ASP C 153 -7.21 3.85 -15.12
N GLN C 154 -7.38 2.80 -15.93
CA GLN C 154 -6.23 2.05 -16.33
C GLN C 154 -5.34 2.85 -17.25
N LEU C 155 -5.96 3.66 -18.08
CA LEU C 155 -5.19 4.52 -19.02
C LEU C 155 -4.24 5.48 -18.30
N GLN C 156 -4.75 6.21 -17.33
CA GLN C 156 -3.92 7.10 -16.59
C GLN C 156 -2.90 6.33 -15.74
N GLN C 157 -3.31 5.19 -15.16
CA GLN C 157 -2.41 4.40 -14.38
C GLN C 157 -1.28 3.91 -15.29
N CYS C 158 -1.59 3.43 -16.50
CA CYS C 158 -0.45 3.04 -17.41
C CYS C 158 0.52 4.22 -17.72
N ILE C 159 -0.01 5.39 -18.09
CA ILE C 159 0.84 6.58 -18.35
C ILE C 159 1.72 6.94 -17.12
N LYS C 160 1.16 6.86 -15.94
CA LYS C 160 1.92 7.08 -14.72
C LYS C 160 3.05 6.07 -14.56
N MET C 161 2.77 4.79 -14.84
CA MET C 161 3.79 3.78 -14.72
C MET C 161 4.88 3.96 -15.76
N ILE C 162 4.50 4.36 -16.95
CA ILE C 162 5.49 4.61 -17.98
C ILE C 162 6.43 5.74 -17.56
N ARG C 163 5.89 6.74 -16.91
CA ARG C 163 6.72 7.90 -16.48
C ARG C 163 7.59 7.58 -15.26
N GLU C 164 7.02 6.80 -14.34
CA GLU C 164 7.66 6.60 -13.04
C GLU C 164 8.43 5.28 -12.92
N GLU C 165 7.87 4.20 -13.48
CA GLU C 165 8.51 2.90 -13.46
C GLU C 165 8.51 2.26 -14.86
N PRO C 166 9.28 2.87 -15.79
CA PRO C 166 9.32 2.47 -17.15
C PRO C 166 9.74 1.02 -17.35
N GLU C 167 10.49 0.47 -16.42
CA GLU C 167 10.96 -0.89 -16.49
C GLU C 167 9.86 -1.89 -16.15
N SER C 168 8.71 -1.46 -15.65
CA SER C 168 7.66 -2.38 -15.15
C SER C 168 7.18 -3.37 -16.21
N ARG C 169 7.00 -4.62 -15.81
CA ARG C 169 6.42 -5.60 -16.75
C ARG C 169 4.92 -5.78 -16.56
N ARG C 170 4.30 -4.84 -15.84
CA ARG C 170 2.93 -4.89 -15.40
C ARG C 170 2.15 -3.68 -15.95
N ILE C 171 2.55 -3.13 -17.06
CA ILE C 171 1.84 -1.94 -17.63
C ILE C 171 0.74 -2.42 -18.60
N ILE C 172 -0.41 -2.67 -18.04
CA ILE C 172 -1.46 -3.44 -18.65
C ILE C 172 -2.75 -2.61 -18.68
N MET C 173 -3.46 -2.71 -19.77
CA MET C 173 -4.80 -2.17 -19.84
C MET C 173 -5.72 -3.23 -20.47
N THR C 174 -6.78 -3.62 -19.76
CA THR C 174 -7.67 -4.66 -20.27
C THR C 174 -9.04 -4.04 -20.57
N ALA C 175 -9.67 -4.54 -21.63
CA ALA C 175 -11.01 -4.11 -22.04
C ALA C 175 -11.98 -5.22 -21.79
N TRP C 176 -11.54 -6.31 -21.12
CA TRP C 176 -12.35 -7.53 -21.02
C TRP C 176 -12.87 -7.72 -19.61
N ASN C 177 -14.17 -7.54 -19.45
CA ASN C 177 -14.78 -7.80 -18.13
C ASN C 177 -15.98 -8.68 -18.40
N PRO C 178 -15.86 -9.99 -18.10
CA PRO C 178 -17.05 -10.84 -18.40
C PRO C 178 -18.38 -10.46 -17.72
N CYS C 179 -18.34 -9.82 -16.57
CA CYS C 179 -19.54 -9.32 -15.92
C CYS C 179 -20.29 -8.21 -16.71
N ASP C 180 -19.63 -7.63 -17.69
CA ASP C 180 -20.24 -6.61 -18.50
C ASP C 180 -20.72 -7.07 -19.83
N LEU C 181 -20.50 -8.34 -20.15
CA LEU C 181 -20.81 -8.82 -21.51
C LEU C 181 -22.28 -8.73 -21.79
N GLU C 182 -23.07 -8.97 -20.75
CA GLU C 182 -24.52 -8.86 -20.82
CA GLU C 182 -24.51 -8.88 -20.87
C GLU C 182 -25.01 -7.41 -21.04
N LYS C 183 -24.18 -6.43 -20.70
CA LYS C 183 -24.53 -5.00 -20.79
C LYS C 183 -24.11 -4.27 -22.10
N VAL C 184 -23.45 -4.95 -23.00
CA VAL C 184 -22.83 -4.27 -24.10
C VAL C 184 -23.42 -4.75 -25.38
N ALA C 185 -23.45 -3.85 -26.36
CA ALA C 185 -23.91 -4.16 -27.68
C ALA C 185 -23.14 -5.33 -28.31
N LEU C 186 -21.82 -5.28 -28.24
CA LEU C 186 -20.90 -6.24 -28.82
C LEU C 186 -19.69 -6.39 -27.88
N PRO C 187 -19.27 -7.60 -27.56
CA PRO C 187 -18.08 -7.74 -26.75
C PRO C 187 -16.85 -7.10 -27.38
N PRO C 188 -15.90 -6.63 -26.57
CA PRO C 188 -14.66 -6.08 -27.16
C PRO C 188 -13.90 -7.08 -28.08
N CYS C 189 -13.27 -6.62 -29.17
CA CYS C 189 -12.35 -7.40 -30.04
C CYS C 189 -10.90 -7.11 -29.72
N HIS C 190 -10.55 -5.83 -29.52
CA HIS C 190 -9.20 -5.52 -29.11
CA HIS C 190 -9.16 -5.51 -29.06
C HIS C 190 -9.17 -5.55 -27.58
N CYS C 191 -8.73 -6.70 -27.01
CA CYS C 191 -9.07 -7.05 -25.65
C CYS C 191 -8.10 -6.64 -24.58
N PHE C 192 -6.82 -6.69 -24.91
CA PHE C 192 -5.77 -6.64 -23.89
C PHE C 192 -4.58 -5.84 -24.46
N VAL C 193 -4.04 -4.92 -23.70
CA VAL C 193 -2.94 -4.11 -24.13
C VAL C 193 -1.81 -4.09 -23.09
N GLN C 194 -0.56 -4.20 -23.51
CA GLN C 194 0.59 -4.04 -22.65
C GLN C 194 1.58 -3.06 -23.27
N PHE C 195 2.14 -2.17 -22.43
CA PHE C 195 3.22 -1.26 -22.84
C PHE C 195 4.50 -1.76 -22.31
N TYR C 196 5.59 -1.36 -22.94
CA TYR C 196 6.93 -1.76 -22.60
C TYR C 196 7.90 -0.63 -22.98
N VAL C 197 8.86 -0.36 -22.11
CA VAL C 197 9.84 0.71 -22.32
C VAL C 197 11.23 0.11 -22.15
N ALA C 198 12.06 0.26 -23.17
CA ALA C 198 13.45 -0.03 -23.03
C ALA C 198 14.23 1.00 -23.83
N ASP C 199 15.36 1.40 -23.30
CA ASP C 199 16.30 2.31 -23.98
C ASP C 199 15.53 3.54 -24.49
N GLY C 200 14.60 4.02 -23.67
CA GLY C 200 13.88 5.26 -23.96
C GLY C 200 12.86 5.19 -25.14
N GLU C 201 12.50 4.00 -25.54
CA GLU C 201 11.51 3.78 -26.59
C GLU C 201 10.30 3.12 -25.98
N LEU C 202 9.14 3.54 -26.41
CA LEU C 202 7.90 2.96 -26.00
C LEU C 202 7.34 1.98 -27.05
N SER C 203 7.02 0.76 -26.61
CA SER C 203 6.35 -0.19 -27.45
C SER C 203 5.02 -0.63 -26.86
N CYS C 204 4.17 -1.13 -27.70
CA CYS C 204 2.78 -1.50 -27.31
C CYS C 204 2.45 -2.81 -28.00
N GLN C 205 1.88 -3.76 -27.24
CA GLN C 205 1.38 -5.00 -27.79
C GLN C 205 -0.10 -5.06 -27.51
N MET C 206 -0.85 -5.35 -28.52
CA MET C 206 -2.33 -5.50 -28.35
C MET C 206 -2.76 -6.90 -28.78
N TYR C 207 -3.58 -7.54 -27.94
CA TYR C 207 -4.17 -8.88 -28.19
C TYR C 207 -5.56 -8.70 -28.75
N GLN C 208 -5.78 -9.19 -29.97
CA GLN C 208 -7.12 -9.09 -30.61
C GLN C 208 -7.73 -10.46 -30.75
N ARG C 209 -8.82 -10.72 -30.06
CA ARG C 209 -9.43 -12.07 -30.10
C ARG C 209 -10.00 -12.51 -31.44
N SER C 210 -10.34 -11.56 -32.33
CA SER C 210 -11.09 -11.81 -33.54
C SER C 210 -10.75 -10.64 -34.49
N ALA C 211 -10.21 -10.95 -35.66
CA ALA C 211 -9.78 -9.95 -36.57
C ALA C 211 -10.18 -10.28 -37.98
N ASP C 212 -10.99 -9.40 -38.54
CA ASP C 212 -11.38 -9.43 -39.96
C ASP C 212 -10.23 -8.79 -40.70
N MET C 213 -9.47 -9.63 -41.38
CA MET C 213 -8.20 -9.24 -41.96
C MET C 213 -8.40 -8.24 -43.12
N GLY C 214 -9.56 -8.28 -43.78
CA GLY C 214 -9.90 -7.33 -44.82
C GLY C 214 -10.33 -5.97 -44.30
N LEU C 215 -11.41 -5.96 -43.51
CA LEU C 215 -12.03 -4.72 -43.08
C LEU C 215 -11.54 -4.16 -41.75
N GLY C 216 -11.12 -5.02 -40.82
CA GLY C 216 -10.79 -4.55 -39.50
C GLY C 216 -9.34 -4.26 -39.26
N VAL C 217 -8.47 -5.22 -39.61
CA VAL C 217 -7.05 -5.20 -39.24
C VAL C 217 -6.31 -3.89 -39.66
N PRO C 218 -6.47 -3.38 -40.90
CA PRO C 218 -5.72 -2.08 -41.23
C PRO C 218 -6.15 -0.94 -40.31
N PHE C 219 -7.45 -0.83 -40.06
CA PHE C 219 -7.93 0.16 -39.05
C PHE C 219 -7.35 -0.07 -37.66
N ASN C 220 -7.46 -1.32 -37.15
CA ASN C 220 -6.96 -1.65 -35.84
C ASN C 220 -5.48 -1.35 -35.63
N ILE C 221 -4.68 -1.65 -36.65
CA ILE C 221 -3.29 -1.36 -36.61
C ILE C 221 -3.07 0.17 -36.42
N ALA C 222 -3.77 0.97 -37.24
CA ALA C 222 -3.58 2.38 -37.19
C ALA C 222 -4.04 2.85 -35.75
N SER C 223 -5.11 2.29 -35.22
CA SER C 223 -5.63 2.76 -33.95
C SER C 223 -4.60 2.64 -32.82
N TYR C 224 -4.07 1.44 -32.65
CA TYR C 224 -3.06 1.20 -31.59
C TYR C 224 -1.69 1.80 -31.85
N SER C 225 -1.30 1.97 -33.15
CA SER C 225 -0.06 2.77 -33.47
C SER C 225 -0.24 4.22 -33.06
N LEU C 226 -1.45 4.75 -33.29
CA LEU C 226 -1.73 6.15 -32.93
C LEU C 226 -1.73 6.29 -31.38
N LEU C 227 -2.35 5.32 -30.68
CA LEU C 227 -2.32 5.34 -29.24
C LEU C 227 -0.87 5.37 -28.70
N THR C 228 -0.03 4.55 -29.28
CA THR C 228 1.33 4.41 -28.87
C THR C 228 2.05 5.78 -29.09
N ARG C 229 1.82 6.39 -30.25
CA ARG C 229 2.40 7.73 -30.54
C ARG C 229 1.96 8.77 -29.51
N MET C 230 0.66 8.78 -29.19
CA MET C 230 0.09 9.70 -28.20
C MET C 230 0.80 9.59 -26.85
N ILE C 231 1.03 8.35 -26.39
CA ILE C 231 1.55 8.14 -25.08
C ILE C 231 3.05 8.41 -25.04
N ALA C 232 3.73 8.06 -26.12
CA ALA C 232 5.14 8.36 -26.25
C ALA C 232 5.30 9.89 -26.20
N HIS C 233 4.44 10.60 -26.93
CA HIS C 233 4.50 12.06 -26.98
C HIS C 233 4.40 12.68 -25.61
N ILE C 234 3.37 12.28 -24.87
CA ILE C 234 3.15 12.88 -23.57
C ILE C 234 4.10 12.41 -22.44
N THR C 235 4.83 11.34 -22.67
CA THR C 235 5.77 10.81 -21.69
C THR C 235 7.21 11.11 -22.13
N SER C 236 7.36 11.92 -23.18
CA SER C 236 8.67 12.29 -23.75
C SER C 236 9.54 11.06 -24.03
N LEU C 237 8.95 10.00 -24.57
CA LEU C 237 9.73 8.87 -25.05
C LEU C 237 9.64 8.83 -26.53
N LYS C 238 10.53 8.08 -27.14
CA LYS C 238 10.49 7.85 -28.59
C LYS C 238 9.61 6.63 -28.84
N PRO C 239 8.94 6.59 -29.99
CA PRO C 239 8.11 5.43 -30.31
C PRO C 239 8.93 4.25 -30.81
N GLY C 240 8.57 3.04 -30.39
CA GLY C 240 9.35 1.90 -30.77
C GLY C 240 8.61 1.07 -31.78
N PHE C 241 7.89 0.11 -31.24
CA PHE C 241 7.14 -0.91 -32.03
C PHE C 241 5.72 -1.08 -31.56
N PHE C 242 4.79 -1.26 -32.53
CA PHE C 242 3.47 -1.82 -32.26
C PHE C 242 3.49 -3.28 -32.66
N ILE C 243 3.07 -4.12 -31.73
CA ILE C 243 2.97 -5.59 -31.96
C ILE C 243 1.57 -6.01 -31.87
N HIS C 244 1.09 -6.64 -32.95
CA HIS C 244 -0.32 -6.97 -33.05
C HIS C 244 -0.43 -8.52 -32.94
N THR C 245 -1.04 -8.99 -31.86
CA THR C 245 -1.26 -10.40 -31.69
C THR C 245 -2.72 -10.74 -31.91
N ILE C 246 -3.00 -11.72 -32.78
CA ILE C 246 -4.40 -12.09 -33.05
C ILE C 246 -4.73 -13.53 -32.64
N GLY C 247 -5.96 -13.72 -32.17
CA GLY C 247 -6.57 -15.06 -32.02
C GLY C 247 -7.09 -15.60 -33.36
N ASP C 248 -8.38 -15.49 -33.62
CA ASP C 248 -8.94 -15.93 -34.86
C ASP C 248 -8.81 -14.84 -35.99
N ALA C 249 -7.81 -14.98 -36.85
CA ALA C 249 -7.55 -14.08 -37.97
C ALA C 249 -8.30 -14.70 -39.15
N HIS C 250 -9.22 -13.94 -39.75
CA HIS C 250 -10.11 -14.48 -40.75
C HIS C 250 -10.36 -13.53 -41.90
N VAL C 251 -10.84 -14.13 -42.97
CA VAL C 251 -11.30 -13.45 -44.15
C VAL C 251 -12.72 -13.98 -44.42
N TYR C 252 -13.68 -13.08 -44.60
CA TYR C 252 -14.99 -13.49 -45.02
C TYR C 252 -15.02 -13.94 -46.48
N LEU C 253 -15.74 -15.02 -46.76
CA LEU C 253 -15.76 -15.55 -48.14
C LEU C 253 -16.25 -14.48 -49.13
N THR C 254 -17.15 -13.60 -48.71
CA THR C 254 -17.62 -12.53 -49.60
C THR C 254 -16.58 -11.41 -49.90
N HIS C 255 -15.43 -11.41 -49.22
CA HIS C 255 -14.39 -10.46 -49.50
C HIS C 255 -13.23 -11.01 -50.33
N VAL C 256 -13.18 -12.30 -50.60
CA VAL C 256 -12.01 -12.92 -51.23
C VAL C 256 -11.65 -12.25 -52.59
N ASP C 257 -12.65 -12.01 -53.41
CA ASP C 257 -12.34 -11.45 -54.74
C ASP C 257 -11.74 -10.08 -54.64
N ALA C 258 -12.28 -9.25 -53.75
CA ALA C 258 -11.78 -7.93 -53.54
C ALA C 258 -10.41 -7.97 -52.90
N LEU C 259 -10.15 -8.97 -52.06
CA LEU C 259 -8.82 -9.13 -51.47
C LEU C 259 -7.81 -9.60 -52.50
N LYS C 260 -8.23 -10.40 -53.45
CA LYS C 260 -7.31 -10.82 -54.51
C LYS C 260 -6.90 -9.65 -55.39
N VAL C 261 -7.74 -8.62 -55.47
CA VAL C 261 -7.38 -7.41 -56.18
C VAL C 261 -6.30 -6.65 -55.40
N GLN C 262 -6.51 -6.52 -54.09
CA GLN C 262 -5.60 -5.82 -53.26
C GLN C 262 -4.25 -6.54 -53.21
N MET C 263 -4.25 -7.86 -53.16
CA MET C 263 -2.97 -8.55 -53.10
C MET C 263 -2.12 -8.38 -54.35
N GLU C 264 -2.71 -7.90 -55.43
CA GLU C 264 -1.92 -7.65 -56.64
C GLU C 264 -1.31 -6.28 -56.66
N ARG C 265 -1.62 -5.45 -55.66
CA ARG C 265 -1.10 -4.10 -55.62
C ARG C 265 0.25 -4.08 -54.90
N LYS C 266 1.12 -3.23 -55.41
CA LYS C 266 2.46 -3.15 -54.88
C LYS C 266 2.44 -2.06 -53.79
N PRO C 267 2.66 -2.44 -52.55
CA PRO C 267 2.68 -1.46 -51.48
C PRO C 267 3.70 -0.35 -51.65
N ARG C 268 3.29 0.81 -51.22
CA ARG C 268 4.09 1.98 -51.27
C ARG C 268 4.66 2.18 -49.90
N PRO C 269 5.65 3.09 -49.80
CA PRO C 269 6.17 3.51 -48.49
C PRO C 269 5.06 3.98 -47.55
N PHE C 270 5.20 3.69 -46.27
CA PHE C 270 4.26 4.20 -45.27
C PHE C 270 4.38 5.72 -45.15
N PRO C 271 3.27 6.42 -44.82
CA PRO C 271 3.41 7.84 -44.45
C PRO C 271 4.20 8.03 -43.15
N LYS C 272 4.59 9.29 -42.87
CA LYS C 272 4.97 9.69 -41.52
C LYS C 272 3.78 10.33 -40.79
N LEU C 273 3.85 10.34 -39.45
CA LEU C 273 2.83 11.01 -38.62
C LEU C 273 3.53 11.99 -37.69
N LYS C 274 3.05 13.23 -37.65
CA LYS C 274 3.69 14.27 -36.90
C LYS C 274 2.61 14.77 -35.97
N ILE C 275 2.99 15.07 -34.75
CA ILE C 275 2.05 15.65 -33.80
C ILE C 275 2.39 17.16 -33.74
N LEU C 276 1.37 18.02 -33.87
CA LEU C 276 1.59 19.46 -34.20
C LEU C 276 1.70 20.39 -33.00
N ARG C 277 1.33 19.94 -31.81
CA ARG C 277 1.67 20.70 -30.63
C ARG C 277 2.10 19.88 -29.43
N ASN C 278 2.53 20.60 -28.42
CA ASN C 278 2.92 20.00 -27.16
C ASN C 278 1.70 19.72 -26.35
N VAL C 279 1.43 18.46 -26.12
CA VAL C 279 0.30 18.04 -25.33
C VAL C 279 0.88 17.36 -24.06
N GLU C 280 0.36 17.68 -22.88
CA GLU C 280 0.94 17.18 -21.63
CA GLU C 280 0.96 17.11 -21.68
C GLU C 280 0.14 15.98 -21.07
N ASN C 281 -1.13 15.88 -21.40
CA ASN C 281 -2.01 14.84 -20.82
C ASN C 281 -2.82 14.16 -21.91
N ILE C 282 -3.13 12.88 -21.70
CA ILE C 282 -3.76 12.09 -22.71
C ILE C 282 -5.10 12.62 -23.14
N ASP C 283 -5.82 13.26 -22.21
CA ASP C 283 -7.15 13.80 -22.53
C ASP C 283 -7.17 15.12 -23.26
N ASP C 284 -5.99 15.72 -23.47
CA ASP C 284 -5.87 17.03 -24.08
C ASP C 284 -5.65 17.05 -25.62
N PHE C 285 -5.64 15.90 -26.27
CA PHE C 285 -5.47 15.88 -27.74
C PHE C 285 -6.76 16.28 -28.50
N ARG C 286 -6.58 16.84 -29.70
CA ARG C 286 -7.66 17.14 -30.63
C ARG C 286 -7.28 16.51 -31.98
N ALA C 287 -8.29 16.19 -32.76
CA ALA C 287 -8.09 15.61 -34.10
C ALA C 287 -7.04 16.32 -34.95
N GLU C 288 -7.07 17.66 -34.95
CA GLU C 288 -6.12 18.39 -35.73
C GLU C 288 -4.69 18.38 -35.22
N ASP C 289 -4.41 17.70 -34.10
CA ASP C 289 -3.01 17.58 -33.65
C ASP C 289 -2.16 16.63 -34.49
N PHE C 290 -2.79 15.84 -35.34
CA PHE C 290 -2.10 14.76 -36.07
C PHE C 290 -2.00 15.14 -37.53
N GLU C 291 -0.80 15.08 -38.06
CA GLU C 291 -0.61 15.37 -39.47
C GLU C 291 0.04 14.20 -40.12
N LEU C 292 -0.65 13.64 -41.09
CA LEU C 292 -0.11 12.56 -41.90
C LEU C 292 0.69 13.07 -43.07
N ILE C 293 1.95 12.74 -43.16
CA ILE C 293 2.78 13.21 -44.27
C ILE C 293 2.97 12.11 -45.38
N ASN C 294 2.58 12.44 -46.61
CA ASN C 294 2.89 11.56 -47.76
CA ASN C 294 2.80 11.61 -47.78
C ASN C 294 2.17 10.22 -47.67
N TYR C 295 0.87 10.24 -47.31
CA TYR C 295 0.05 9.04 -47.37
C TYR C 295 -0.49 8.93 -48.80
N LYS C 296 -0.14 7.83 -49.48
CA LYS C 296 -0.37 7.72 -50.98
C LYS C 296 -1.10 6.42 -51.17
N PRO C 297 -2.32 6.31 -50.65
CA PRO C 297 -2.92 4.99 -50.83
C PRO C 297 -3.40 4.79 -52.25
N TYR C 298 -3.56 3.53 -52.67
CA TYR C 298 -4.39 3.15 -53.86
C TYR C 298 -5.83 3.34 -53.43
N PRO C 299 -6.76 3.37 -54.39
CA PRO C 299 -8.15 3.63 -54.03
C PRO C 299 -8.76 2.77 -52.91
N LYS C 300 -9.78 3.33 -52.23
CA LYS C 300 -10.56 2.58 -51.23
C LYS C 300 -11.04 1.27 -51.90
N ILE C 301 -11.00 0.17 -51.16
CA ILE C 301 -11.62 -1.07 -51.63
C ILE C 301 -12.88 -1.34 -50.80
N SER C 302 -13.98 -1.54 -51.54
CA SER C 302 -15.35 -1.67 -51.01
C SER C 302 -15.69 -3.14 -50.74
N MET C 303 -16.04 -3.46 -49.50
CA MET C 303 -16.41 -4.84 -49.16
C MET C 303 -17.73 -4.91 -48.39
N TYR D 18 16.62 -37.05 -35.71
CA TYR D 18 15.40 -36.32 -35.29
C TYR D 18 15.80 -34.96 -34.71
N VAL D 19 15.07 -33.94 -35.13
CA VAL D 19 15.24 -32.66 -34.53
C VAL D 19 13.90 -32.27 -33.87
N ASN D 20 13.95 -31.99 -32.59
CA ASN D 20 12.75 -31.44 -31.97
C ASN D 20 12.64 -29.98 -32.35
N GLN D 21 11.89 -29.66 -33.39
CA GLN D 21 11.90 -28.26 -33.87
C GLN D 21 11.34 -27.31 -32.85
N GLU D 22 10.31 -27.70 -32.10
CA GLU D 22 9.69 -26.78 -31.10
C GLU D 22 10.66 -26.42 -30.00
N GLU D 23 11.38 -27.39 -29.47
CA GLU D 23 12.37 -27.07 -28.44
C GLU D 23 13.58 -26.33 -29.00
N LEU D 24 13.99 -26.61 -30.23
CA LEU D 24 15.03 -25.81 -30.87
C LEU D 24 14.63 -24.32 -30.98
N ASN D 25 13.38 -24.07 -31.31
CA ASN D 25 12.89 -22.72 -31.42
C ASN D 25 13.05 -21.98 -30.09
N TYR D 26 12.82 -22.72 -29.00
CA TYR D 26 12.93 -22.16 -27.66
C TYR D 26 14.40 -21.86 -27.37
N LEU D 27 15.30 -22.76 -27.71
CA LEU D 27 16.74 -22.52 -27.47
C LEU D 27 17.31 -21.36 -28.30
N ASN D 28 16.74 -21.16 -29.47
CA ASN D 28 17.18 -20.07 -30.32
C ASN D 28 16.63 -18.72 -29.87
N GLN D 29 15.43 -18.78 -29.26
CA GLN D 29 14.85 -17.64 -28.64
C GLN D 29 15.73 -17.21 -27.44
N LEU D 30 16.14 -18.14 -26.60
CA LEU D 30 17.11 -17.85 -25.54
C LEU D 30 18.33 -17.19 -26.09
N LYS D 31 18.89 -17.74 -27.16
CA LYS D 31 20.13 -17.23 -27.69
C LYS D 31 19.95 -15.80 -28.18
N ASP D 32 18.85 -15.56 -28.88
CA ASP D 32 18.57 -14.21 -29.37
C ASP D 32 18.41 -13.19 -28.26
N ILE D 33 17.79 -13.58 -27.15
CA ILE D 33 17.63 -12.68 -26.01
C ILE D 33 18.99 -12.41 -25.38
N ILE D 34 19.80 -13.43 -25.24
CA ILE D 34 21.14 -13.24 -24.68
C ILE D 34 22.03 -12.35 -25.52
N ASP D 35 21.99 -12.53 -26.83
CA ASP D 35 22.90 -11.85 -27.72
C ASP D 35 22.46 -10.42 -28.04
N HIS D 36 21.14 -10.26 -28.23
CA HIS D 36 20.53 -9.05 -28.76
C HIS D 36 19.47 -8.44 -27.85
N GLY D 37 19.16 -9.06 -26.72
CA GLY D 37 18.22 -8.48 -25.80
C GLY D 37 18.77 -7.20 -25.20
N VAL D 38 17.87 -6.36 -24.75
CA VAL D 38 18.24 -5.12 -24.17
C VAL D 38 18.33 -5.33 -22.67
N ARG D 39 19.34 -4.69 -22.12
CA ARG D 39 19.50 -4.64 -20.71
C ARG D 39 18.38 -3.80 -20.15
N LYS D 40 17.77 -4.33 -19.11
CA LYS D 40 16.68 -3.70 -18.42
C LYS D 40 17.03 -4.03 -16.96
N ASN D 41 17.03 -3.04 -16.09
CA ASN D 41 17.02 -3.39 -14.69
C ASN D 41 15.56 -3.61 -14.47
N ASP D 42 15.17 -4.14 -13.33
CA ASP D 42 13.78 -4.56 -13.23
C ASP D 42 13.26 -4.38 -11.80
N ARG D 43 12.05 -4.84 -11.53
CA ARG D 43 11.47 -4.68 -10.20
C ARG D 43 12.34 -5.41 -9.19
N THR D 44 12.78 -6.62 -9.57
CA THR D 44 13.67 -7.42 -8.72
C THR D 44 14.92 -6.59 -8.42
N GLY D 45 15.18 -5.56 -9.25
CA GLY D 45 16.38 -4.71 -9.12
C GLY D 45 17.56 -5.43 -9.74
N ILE D 46 17.42 -6.75 -9.77
CA ILE D 46 18.29 -7.60 -10.52
C ILE D 46 18.28 -7.05 -11.97
N GLY D 47 19.24 -7.40 -12.76
CA GLY D 47 19.18 -7.00 -14.16
C GLY D 47 18.64 -8.12 -14.99
N THR D 48 17.97 -7.78 -16.10
CA THR D 48 17.66 -8.76 -17.16
C THR D 48 18.17 -8.34 -18.54
N LEU D 49 18.28 -9.33 -19.43
CA LEU D 49 18.16 -9.12 -20.86
C LEU D 49 16.73 -9.43 -21.41
N SER D 50 16.16 -8.51 -22.18
CA SER D 50 14.76 -8.58 -22.48
C SER D 50 14.46 -8.37 -23.97
N THR D 51 13.37 -8.97 -24.45
CA THR D 51 12.77 -8.58 -25.70
C THR D 51 11.26 -8.49 -25.47
N PHE D 52 10.58 -7.69 -26.28
CA PHE D 52 9.11 -7.53 -26.13
C PHE D 52 8.34 -8.09 -27.35
N GLY D 53 7.40 -8.99 -27.10
CA GLY D 53 6.55 -9.58 -28.12
C GLY D 53 7.15 -10.78 -28.85
N THR D 54 6.78 -11.96 -28.39
CA THR D 54 7.16 -13.25 -29.00
C THR D 54 5.92 -14.13 -29.13
N GLN D 55 5.96 -15.06 -30.07
CA GLN D 55 4.91 -16.06 -30.18
C GLN D 55 5.44 -17.39 -30.69
N SER D 56 4.95 -18.49 -30.12
CA SER D 56 5.47 -19.80 -30.41
C SER D 56 4.33 -20.76 -30.36
N ARG D 57 4.39 -21.76 -31.22
CA ARG D 57 3.34 -22.71 -31.40
C ARG D 57 3.81 -24.13 -31.01
N TYR D 58 2.94 -24.91 -30.38
CA TYR D 58 3.27 -26.25 -29.81
C TYR D 58 2.17 -27.17 -30.29
N CYS D 59 2.54 -28.09 -31.16
CA CYS D 59 1.57 -29.03 -31.73
C CYS D 59 1.20 -30.16 -30.73
N LEU D 60 -0.11 -30.34 -30.49
CA LEU D 60 -0.60 -31.31 -29.49
C LEU D 60 -1.18 -32.57 -30.13
N ARG D 61 -1.01 -32.72 -31.44
CA ARG D 61 -1.58 -33.85 -32.13
C ARG D 61 -0.85 -35.15 -31.78
N ASP D 62 -1.47 -36.29 -32.00
CA ASP D 62 -0.75 -37.58 -31.81
C ASP D 62 -0.31 -37.78 -30.37
N ASP D 63 -0.99 -37.11 -29.42
CA ASP D 63 -0.67 -37.15 -28.00
C ASP D 63 0.69 -36.58 -27.60
N ILE D 64 1.38 -35.92 -28.52
CA ILE D 64 2.70 -35.35 -28.25
C ILE D 64 2.56 -34.20 -27.26
N PHE D 65 3.47 -34.16 -26.30
CA PHE D 65 3.33 -33.24 -25.17
C PHE D 65 4.63 -32.44 -24.92
N PRO D 66 4.54 -31.10 -25.03
CA PRO D 66 5.76 -30.23 -25.06
C PRO D 66 6.33 -29.92 -23.68
N LEU D 67 6.83 -30.97 -23.06
CA LEU D 67 7.58 -30.83 -21.81
C LEU D 67 9.07 -30.83 -22.23
N LEU D 68 9.76 -29.71 -21.99
CA LEU D 68 11.12 -29.54 -22.46
C LEU D 68 12.08 -30.62 -21.98
N THR D 69 12.99 -31.04 -22.85
CA THR D 69 13.93 -32.12 -22.56
C THR D 69 15.36 -31.66 -22.18
N THR D 70 15.73 -30.40 -22.47
CA THR D 70 17.12 -29.96 -22.19
C THR D 70 17.28 -29.46 -20.75
N LYS D 71 16.22 -29.54 -19.95
CA LYS D 71 16.30 -29.25 -18.51
C LYS D 71 15.02 -29.75 -17.91
N ARG D 72 15.09 -30.74 -17.03
CA ARG D 72 13.90 -31.37 -16.43
C ARG D 72 12.88 -30.32 -15.92
N VAL D 73 11.60 -30.52 -16.26
CA VAL D 73 10.53 -29.67 -15.78
C VAL D 73 9.83 -30.36 -14.65
N PHE D 74 9.41 -29.56 -13.70
CA PHE D 74 8.75 -30.05 -12.46
C PHE D 74 7.29 -30.45 -12.77
N TRP D 75 7.17 -31.55 -13.48
CA TRP D 75 5.86 -32.02 -13.91
C TRP D 75 4.86 -32.23 -12.76
N ARG D 76 5.29 -32.84 -11.67
CA ARG D 76 4.40 -33.06 -10.50
C ARG D 76 3.76 -31.76 -9.97
N GLY D 77 4.51 -30.67 -9.97
CA GLY D 77 4.00 -29.35 -9.56
C GLY D 77 3.09 -28.72 -10.61
N VAL D 78 3.41 -28.91 -11.89
CA VAL D 78 2.54 -28.46 -12.99
C VAL D 78 1.11 -29.05 -12.80
N VAL D 79 1.03 -30.36 -12.61
CA VAL D 79 -0.24 -31.03 -12.51
C VAL D 79 -0.99 -30.57 -11.27
N GLU D 80 -0.34 -30.63 -10.12
CA GLU D 80 -0.99 -30.25 -8.85
C GLU D 80 -1.38 -28.78 -8.82
N GLU D 81 -0.50 -27.89 -9.25
CA GLU D 81 -0.90 -26.46 -9.35
C GLU D 81 -2.14 -26.32 -10.24
N LEU D 82 -2.15 -26.97 -11.39
CA LEU D 82 -3.25 -26.83 -12.28
C LEU D 82 -4.53 -27.29 -11.67
N LEU D 83 -4.52 -28.45 -11.02
CA LEU D 83 -5.77 -28.92 -10.46
C LEU D 83 -6.26 -27.98 -9.35
N TRP D 84 -5.29 -27.41 -8.62
CA TRP D 84 -5.60 -26.42 -7.58
C TRP D 84 -6.19 -25.11 -8.19
N PHE D 85 -5.65 -24.61 -9.30
CA PHE D 85 -6.22 -23.44 -9.97
C PHE D 85 -7.68 -23.78 -10.36
N ILE D 86 -7.89 -24.99 -10.90
CA ILE D 86 -9.23 -25.38 -11.42
C ILE D 86 -10.25 -25.38 -10.31
N SER D 87 -9.81 -25.79 -9.14
CA SER D 87 -10.69 -25.87 -7.95
C SER D 87 -11.14 -24.50 -7.48
N GLY D 88 -10.50 -23.45 -7.96
CA GLY D 88 -10.76 -22.07 -7.51
C GLY D 88 -10.14 -21.66 -6.20
N SER D 89 -9.33 -22.52 -5.60
CA SER D 89 -8.74 -22.22 -4.28
C SER D 89 -7.72 -21.10 -4.42
N THR D 90 -7.62 -20.35 -3.35
CA THR D 90 -6.56 -19.40 -3.20
C THR D 90 -5.70 -19.64 -1.91
N ASN D 91 -5.76 -20.85 -1.34
CA ASN D 91 -5.05 -21.22 -0.16
C ASN D 91 -3.84 -22.04 -0.53
N ALA D 92 -2.65 -21.46 -0.40
CA ALA D 92 -1.43 -22.18 -0.74
C ALA D 92 -1.16 -23.42 0.14
N LYS D 93 -1.71 -23.44 1.36
CA LYS D 93 -1.61 -24.68 2.19
C LYS D 93 -2.16 -25.89 1.48
N GLN D 94 -3.17 -25.70 0.64
CA GLN D 94 -3.76 -26.84 -0.02
C GLN D 94 -2.77 -27.49 -0.97
N LEU D 95 -1.88 -26.69 -1.56
CA LEU D 95 -0.76 -27.15 -2.39
C LEU D 95 0.40 -27.67 -1.54
N SER D 96 0.67 -26.96 -0.44
CA SER D 96 1.79 -27.27 0.42
C SER D 96 1.57 -28.66 1.06
N GLU D 97 0.32 -28.97 1.33
CA GLU D 97 -0.05 -30.26 1.94
C GLU D 97 0.07 -31.45 0.96
N LYS D 98 0.17 -31.14 -0.33
CA LYS D 98 0.57 -32.10 -1.35
C LYS D 98 2.03 -32.06 -1.75
N ASN D 99 2.88 -31.53 -0.89
CA ASN D 99 4.32 -31.42 -1.15
C ASN D 99 4.70 -30.64 -2.43
N VAL D 100 3.92 -29.62 -2.76
CA VAL D 100 4.26 -28.67 -3.78
C VAL D 100 4.34 -27.26 -3.08
N ASN D 101 5.55 -26.71 -3.08
CA ASN D 101 5.85 -25.56 -2.22
CA ASN D 101 5.89 -25.58 -2.22
C ASN D 101 5.99 -24.27 -2.98
N ILE D 102 5.62 -24.32 -4.24
CA ILE D 102 5.88 -23.18 -5.11
C ILE D 102 5.21 -21.88 -4.76
N TRP D 103 4.07 -21.93 -4.10
CA TRP D 103 3.37 -20.75 -3.63
C TRP D 103 3.59 -20.40 -2.15
N ASP D 104 4.45 -21.15 -1.43
CA ASP D 104 4.64 -20.93 0.00
C ASP D 104 5.34 -19.57 0.29
N GLY D 105 6.35 -19.23 -0.51
CA GLY D 105 7.11 -17.98 -0.31
C GLY D 105 6.24 -16.74 -0.37
N ASN D 106 5.26 -16.73 -1.26
CA ASN D 106 4.37 -15.58 -1.41
C ASN D 106 3.16 -15.62 -0.49
N SER D 107 3.06 -16.64 0.35
CA SER D 107 1.91 -16.70 1.27
C SER D 107 2.25 -16.81 2.77
N SER D 108 3.53 -16.66 3.07
CA SER D 108 3.98 -16.64 4.44
C SER D 108 3.52 -15.41 5.19
N ARG D 109 3.36 -15.57 6.48
CA ARG D 109 3.11 -14.43 7.41
C ARG D 109 3.96 -13.23 7.06
N GLU D 110 5.27 -13.46 7.00
CA GLU D 110 6.28 -12.46 6.63
CA GLU D 110 6.16 -12.36 6.70
C GLU D 110 5.96 -11.74 5.33
N PHE D 111 5.79 -12.54 4.28
CA PHE D 111 5.54 -11.91 3.02
C PHE D 111 4.23 -11.07 3.02
N LEU D 112 3.16 -11.66 3.51
CA LEU D 112 1.86 -10.96 3.53
C LEU D 112 1.98 -9.61 4.33
N ASP D 113 2.70 -9.67 5.43
CA ASP D 113 2.92 -8.48 6.26
C ASP D 113 3.64 -7.36 5.48
N SER D 114 4.57 -7.79 4.62
CA SER D 114 5.30 -6.89 3.76
C SER D 114 4.40 -6.22 2.70
N ARG D 115 3.27 -6.86 2.35
CA ARG D 115 2.36 -6.29 1.40
CA ARG D 115 2.32 -6.32 1.40
C ARG D 115 1.24 -5.46 2.10
N GLY D 116 1.23 -5.43 3.41
CA GLY D 116 0.18 -4.73 4.15
C GLY D 116 -1.02 -5.62 4.40
N LEU D 117 -0.93 -6.88 3.99
CA LEU D 117 -2.02 -7.84 4.21
C LEU D 117 -1.99 -8.54 5.55
N TYR D 118 -2.13 -7.74 6.60
CA TYR D 118 -1.97 -8.26 7.95
C TYR D 118 -3.20 -9.04 8.32
N ASN D 119 -4.34 -8.76 7.71
CA ASN D 119 -5.52 -9.58 8.05
C ASN D 119 -5.63 -10.93 7.37
N TYR D 120 -4.81 -11.19 6.35
CA TYR D 120 -4.80 -12.51 5.73
C TYR D 120 -4.10 -13.51 6.65
N GLU D 121 -4.70 -14.69 6.77
CA GLU D 121 -4.04 -15.81 7.45
C GLU D 121 -2.96 -16.33 6.54
N GLU D 122 -1.92 -16.94 7.14
CA GLU D 122 -0.91 -17.59 6.35
C GLU D 122 -1.49 -18.61 5.34
N GLY D 123 -1.03 -18.55 4.11
CA GLY D 123 -1.57 -19.38 3.04
C GLY D 123 -2.51 -18.58 2.12
N ASP D 124 -3.08 -17.46 2.59
CA ASP D 124 -4.04 -16.67 1.76
C ASP D 124 -3.31 -15.81 0.74
N LEU D 125 -3.40 -16.19 -0.51
CA LEU D 125 -2.73 -15.44 -1.59
C LEU D 125 -3.53 -14.25 -2.11
N GLY D 126 -4.75 -14.15 -1.67
CA GLY D 126 -5.72 -13.21 -2.25
C GLY D 126 -6.32 -13.80 -3.53
N PRO D 127 -7.03 -12.96 -4.31
CA PRO D 127 -7.76 -13.45 -5.45
C PRO D 127 -6.91 -13.66 -6.74
N VAL D 128 -6.08 -14.68 -6.66
CA VAL D 128 -5.12 -15.10 -7.75
C VAL D 128 -5.81 -16.02 -8.72
N TYR D 129 -5.06 -16.70 -9.60
CA TYR D 129 -5.67 -17.37 -10.72
C TYR D 129 -6.97 -18.12 -10.50
N GLY D 130 -7.01 -19.03 -9.52
CA GLY D 130 -8.20 -19.86 -9.28
C GLY D 130 -9.48 -19.11 -9.05
N PHE D 131 -9.33 -18.05 -8.29
CA PHE D 131 -10.41 -17.17 -7.96
C PHE D 131 -10.87 -16.48 -9.25
N GLN D 132 -9.94 -15.95 -10.02
CA GLN D 132 -10.34 -15.22 -11.25
C GLN D 132 -11.03 -16.18 -12.27
N TRP D 133 -10.48 -17.38 -12.43
CA TRP D 133 -11.03 -18.33 -13.37
C TRP D 133 -12.47 -18.74 -13.02
N ARG D 134 -12.80 -18.84 -11.75
CA ARG D 134 -14.04 -19.50 -11.37
C ARG D 134 -15.05 -18.53 -10.76
N HIS D 135 -14.60 -17.33 -10.39
CA HIS D 135 -15.38 -16.41 -9.57
C HIS D 135 -15.14 -14.93 -9.94
N PHE D 136 -14.80 -14.71 -11.19
CA PHE D 136 -14.45 -13.34 -11.62
C PHE D 136 -15.50 -12.33 -11.20
N GLY D 137 -15.01 -11.26 -10.63
CA GLY D 137 -15.90 -10.11 -10.29
C GLY D 137 -16.54 -10.18 -8.91
N CYS D 138 -16.47 -11.31 -8.24
CA CYS D 138 -16.97 -11.44 -6.88
C CYS D 138 -16.07 -10.73 -5.89
N PRO D 139 -16.61 -9.87 -4.96
CA PRO D 139 -15.71 -9.34 -3.95
C PRO D 139 -14.96 -10.43 -3.18
N TYR D 140 -13.66 -10.25 -2.97
CA TYR D 140 -12.87 -11.24 -2.24
C TYR D 140 -12.81 -10.89 -0.75
N SER D 141 -13.16 -11.84 0.13
CA SER D 141 -12.98 -11.58 1.56
C SER D 141 -11.73 -12.33 2.05
N SER D 142 -11.81 -13.63 2.20
CA SER D 142 -10.61 -14.38 2.51
C SER D 142 -10.68 -15.69 1.80
N MET D 143 -9.63 -16.48 1.94
CA MET D 143 -9.57 -17.82 1.34
C MET D 143 -10.53 -18.89 1.87
N THR D 144 -11.14 -18.67 3.03
CA THR D 144 -12.08 -19.64 3.60
C THR D 144 -13.57 -19.36 3.34
N ALA D 145 -13.88 -18.21 2.75
CA ALA D 145 -15.26 -17.81 2.53
C ALA D 145 -15.97 -18.71 1.53
N ASP D 146 -17.29 -18.64 1.55
CA ASP D 146 -18.07 -19.42 0.59
C ASP D 146 -18.30 -18.66 -0.72
N TYR D 147 -17.69 -19.13 -1.80
CA TYR D 147 -17.82 -18.45 -3.12
C TYR D 147 -18.66 -19.23 -4.15
N LYS D 148 -19.23 -20.36 -3.69
CA LYS D 148 -20.09 -21.19 -4.54
C LYS D 148 -21.13 -20.38 -5.26
N GLY D 149 -21.08 -20.45 -6.58
CA GLY D 149 -22.04 -19.79 -7.44
C GLY D 149 -21.95 -18.29 -7.46
N LYS D 150 -20.90 -17.73 -6.86
CA LYS D 150 -20.65 -16.27 -6.94
C LYS D 150 -19.58 -15.91 -7.97
N GLY D 151 -19.70 -14.71 -8.59
CA GLY D 151 -18.82 -14.27 -9.68
C GLY D 151 -19.16 -15.00 -10.97
N TYR D 152 -18.31 -14.82 -11.96
CA TYR D 152 -18.54 -15.32 -13.29
C TYR D 152 -17.57 -16.47 -13.48
N ASP D 153 -18.13 -17.67 -13.67
CA ASP D 153 -17.31 -18.85 -13.83
C ASP D 153 -16.90 -18.93 -15.30
N GLN D 154 -15.79 -18.28 -15.58
CA GLN D 154 -15.22 -18.25 -16.88
C GLN D 154 -14.82 -19.59 -17.38
N LEU D 155 -14.21 -20.42 -16.51
CA LEU D 155 -13.77 -21.74 -16.94
C LEU D 155 -14.95 -22.59 -17.45
N GLN D 156 -16.02 -22.67 -16.68
CA GLN D 156 -17.17 -23.42 -17.11
C GLN D 156 -17.86 -22.79 -18.35
N GLN D 157 -17.91 -21.46 -18.42
CA GLN D 157 -18.49 -20.77 -19.57
C GLN D 157 -17.65 -21.08 -20.81
N CYS D 158 -16.30 -21.10 -20.73
CA CYS D 158 -15.50 -21.52 -21.91
C CYS D 158 -15.86 -22.93 -22.41
N ILE D 159 -15.98 -23.89 -21.51
CA ILE D 159 -16.36 -25.25 -21.84
C ILE D 159 -17.76 -25.29 -22.49
N LYS D 160 -18.70 -24.57 -21.89
CA LYS D 160 -20.01 -24.49 -22.47
C LYS D 160 -19.98 -23.96 -23.91
N MET D 161 -19.22 -22.89 -24.11
CA MET D 161 -19.12 -22.30 -25.43
C MET D 161 -18.49 -23.23 -26.45
N ILE D 162 -17.45 -23.91 -26.01
CA ILE D 162 -16.80 -24.88 -26.83
C ILE D 162 -17.76 -25.95 -27.33
N ARG D 163 -18.68 -26.32 -26.46
CA ARG D 163 -19.63 -27.37 -26.80
CA ARG D 163 -19.67 -27.37 -26.74
C ARG D 163 -20.85 -26.85 -27.56
N GLU D 164 -21.37 -25.68 -27.19
CA GLU D 164 -22.59 -25.17 -27.77
C GLU D 164 -22.37 -24.22 -29.00
N GLU D 165 -21.23 -23.51 -29.02
CA GLU D 165 -20.93 -22.62 -30.16
C GLU D 165 -19.42 -22.70 -30.49
N PRO D 166 -18.97 -23.89 -30.95
CA PRO D 166 -17.53 -24.08 -31.21
C PRO D 166 -16.93 -23.08 -32.19
N GLU D 167 -17.74 -22.52 -33.08
CA GLU D 167 -17.27 -21.49 -34.02
C GLU D 167 -16.95 -20.11 -33.36
N SER D 168 -17.40 -19.93 -32.14
CA SER D 168 -17.31 -18.63 -31.52
C SER D 168 -15.86 -18.08 -31.44
N ARG D 169 -15.75 -16.76 -31.62
CA ARG D 169 -14.46 -16.09 -31.49
C ARG D 169 -14.32 -15.34 -30.17
N ARG D 170 -15.23 -15.64 -29.23
CA ARG D 170 -15.37 -14.98 -27.92
C ARG D 170 -15.08 -15.97 -26.75
N ILE D 171 -14.33 -17.06 -27.01
CA ILE D 171 -14.11 -18.07 -25.96
C ILE D 171 -12.85 -17.71 -25.18
N ILE D 172 -13.07 -16.89 -24.15
CA ILE D 172 -12.06 -16.14 -23.43
C ILE D 172 -12.07 -16.40 -21.94
N MET D 173 -10.89 -16.59 -21.33
CA MET D 173 -10.78 -16.59 -19.89
C MET D 173 -9.64 -15.58 -19.55
N THR D 174 -9.96 -14.60 -18.69
CA THR D 174 -9.03 -13.59 -18.24
C THR D 174 -8.73 -13.77 -16.77
N ALA D 175 -7.47 -13.61 -16.42
CA ALA D 175 -7.00 -13.55 -15.06
C ALA D 175 -6.65 -12.12 -14.55
N TRP D 176 -7.01 -11.08 -15.32
CA TRP D 176 -6.58 -9.74 -15.00
C TRP D 176 -7.73 -8.89 -14.58
N ASN D 177 -7.80 -8.55 -13.28
CA ASN D 177 -8.80 -7.66 -12.81
C ASN D 177 -8.02 -6.58 -12.08
N PRO D 178 -7.94 -5.35 -12.67
CA PRO D 178 -7.20 -4.31 -12.00
C PRO D 178 -7.71 -3.93 -10.61
N CYS D 179 -9.00 -4.08 -10.39
CA CYS D 179 -9.58 -3.84 -9.07
C CYS D 179 -9.06 -4.80 -7.99
N ASP D 180 -8.47 -5.92 -8.38
CA ASP D 180 -8.01 -6.93 -7.44
C ASP D 180 -6.48 -6.88 -7.18
N LEU D 181 -5.74 -5.93 -7.81
CA LEU D 181 -4.30 -5.98 -7.74
C LEU D 181 -3.72 -5.63 -6.37
N GLU D 182 -4.44 -4.88 -5.58
CA GLU D 182 -3.98 -4.47 -4.30
C GLU D 182 -4.14 -5.55 -3.21
N LYS D 183 -4.96 -6.56 -3.45
CA LYS D 183 -5.30 -7.56 -2.42
C LYS D 183 -4.70 -8.91 -2.74
N VAL D 184 -3.84 -8.96 -3.77
CA VAL D 184 -3.13 -10.13 -4.11
C VAL D 184 -1.72 -10.06 -3.66
N ALA D 185 -1.23 -11.22 -3.24
CA ALA D 185 0.16 -11.32 -2.82
C ALA D 185 1.04 -10.93 -4.01
N LEU D 186 0.68 -11.31 -5.21
CA LEU D 186 1.34 -10.76 -6.42
C LEU D 186 0.43 -10.82 -7.70
N PRO D 187 0.69 -10.00 -8.70
CA PRO D 187 -0.22 -9.87 -9.85
C PRO D 187 -0.09 -11.09 -10.75
N PRO D 188 -1.02 -11.31 -11.67
CA PRO D 188 -0.97 -12.48 -12.55
C PRO D 188 0.07 -12.32 -13.66
N CYS D 189 0.79 -13.37 -14.02
CA CYS D 189 1.66 -13.39 -15.17
C CYS D 189 0.98 -13.94 -16.46
N HIS D 190 0.34 -15.11 -16.36
CA HIS D 190 -0.48 -15.67 -17.41
CA HIS D 190 -0.48 -15.63 -17.47
C HIS D 190 -1.89 -15.08 -17.40
N CYS D 191 -2.08 -14.03 -18.19
CA CYS D 191 -3.13 -13.06 -18.02
C CYS D 191 -4.40 -13.35 -18.78
N PHE D 192 -4.28 -13.96 -19.94
CA PHE D 192 -5.44 -14.00 -20.86
C PHE D 192 -5.34 -15.26 -21.72
N VAL D 193 -6.44 -15.99 -21.83
CA VAL D 193 -6.45 -17.23 -22.59
C VAL D 193 -7.64 -17.21 -23.56
N GLN D 194 -7.46 -17.75 -24.74
CA GLN D 194 -8.54 -17.95 -25.70
C GLN D 194 -8.50 -19.33 -26.25
N PHE D 195 -9.68 -19.90 -26.45
CA PHE D 195 -9.81 -21.19 -27.12
C PHE D 195 -10.38 -21.04 -28.48
N TYR D 196 -10.16 -22.03 -29.33
CA TYR D 196 -10.62 -22.02 -30.71
C TYR D 196 -10.86 -23.46 -31.17
N VAL D 197 -11.85 -23.65 -32.02
CA VAL D 197 -12.19 -24.95 -32.50
C VAL D 197 -12.27 -24.89 -34.04
N ALA D 198 -11.65 -25.83 -34.71
CA ALA D 198 -11.85 -25.95 -36.15
C ALA D 198 -11.53 -27.38 -36.54
N ASP D 199 -12.25 -27.95 -37.50
CA ASP D 199 -11.91 -29.28 -38.00
C ASP D 199 -11.87 -30.32 -36.85
N GLY D 200 -12.74 -30.19 -35.86
CA GLY D 200 -12.78 -31.12 -34.73
C GLY D 200 -11.61 -31.02 -33.75
N GLU D 201 -10.78 -29.97 -33.84
CA GLU D 201 -9.60 -29.86 -32.97
C GLU D 201 -9.69 -28.61 -32.12
N LEU D 202 -9.29 -28.76 -30.86
CA LEU D 202 -9.27 -27.63 -29.91
C LEU D 202 -7.85 -27.08 -29.74
N SER D 203 -7.74 -25.75 -29.90
CA SER D 203 -6.48 -25.01 -29.76
C SER D 203 -6.67 -23.95 -28.66
N CYS D 204 -5.57 -23.64 -27.99
CA CYS D 204 -5.51 -22.60 -27.00
C CYS D 204 -4.36 -21.58 -27.20
N GLN D 205 -4.64 -20.29 -27.04
CA GLN D 205 -3.59 -19.29 -27.04
C GLN D 205 -3.61 -18.66 -25.62
N MET D 206 -2.44 -18.55 -25.04
CA MET D 206 -2.26 -17.85 -23.75
C MET D 206 -1.27 -16.67 -23.94
N TYR D 207 -1.64 -15.55 -23.38
CA TYR D 207 -0.85 -14.33 -23.36
C TYR D 207 -0.24 -14.15 -21.96
N GLN D 208 1.09 -14.11 -21.97
CA GLN D 208 1.86 -14.00 -20.75
C GLN D 208 2.61 -12.67 -20.74
N ARG D 209 2.35 -11.79 -19.74
CA ARG D 209 2.91 -10.43 -19.81
C ARG D 209 4.40 -10.37 -19.56
N SER D 210 4.94 -11.40 -18.87
CA SER D 210 6.25 -11.40 -18.34
C SER D 210 6.69 -12.83 -18.18
N ALA D 211 7.77 -13.21 -18.81
CA ALA D 211 8.21 -14.60 -18.92
C ALA D 211 9.69 -14.73 -18.67
N ASP D 212 10.06 -15.40 -17.56
CA ASP D 212 11.45 -15.74 -17.32
C ASP D 212 11.76 -16.98 -18.13
N MET D 213 12.54 -16.80 -19.18
CA MET D 213 12.67 -17.81 -20.21
C MET D 213 13.36 -19.05 -19.64
N GLY D 214 14.24 -18.84 -18.68
CA GLY D 214 14.90 -19.96 -18.02
C GLY D 214 14.02 -20.78 -17.06
N LEU D 215 13.46 -20.13 -16.05
CA LEU D 215 12.78 -20.88 -15.02
C LEU D 215 11.27 -20.96 -15.19
N GLY D 216 10.68 -20.07 -15.95
CA GLY D 216 9.25 -19.98 -15.98
C GLY D 216 8.64 -20.59 -17.20
N VAL D 217 9.15 -20.17 -18.36
CA VAL D 217 8.56 -20.54 -19.59
C VAL D 217 8.34 -22.05 -19.72
N PRO D 218 9.30 -22.89 -19.39
CA PRO D 218 8.99 -24.33 -19.62
C PRO D 218 7.83 -24.92 -18.80
N PHE D 219 7.73 -24.49 -17.54
CA PHE D 219 6.62 -24.83 -16.64
C PHE D 219 5.27 -24.30 -17.15
N ASN D 220 5.26 -23.03 -17.58
CA ASN D 220 4.09 -22.37 -18.18
C ASN D 220 3.49 -23.10 -19.41
N ILE D 221 4.35 -23.54 -20.30
CA ILE D 221 3.94 -24.18 -21.56
C ILE D 221 3.23 -25.47 -21.18
N ALA D 222 3.80 -26.15 -20.20
CA ALA D 222 3.32 -27.45 -19.84
C ALA D 222 1.97 -27.29 -19.13
N SER D 223 1.83 -26.24 -18.30
CA SER D 223 0.61 -26.06 -17.61
CA SER D 223 0.58 -25.97 -17.60
C SER D 223 -0.55 -25.79 -18.59
N TYR D 224 -0.32 -24.95 -19.59
CA TYR D 224 -1.40 -24.57 -20.52
C TYR D 224 -1.67 -25.65 -21.58
N SER D 225 -0.65 -26.40 -21.96
CA SER D 225 -0.84 -27.52 -22.82
C SER D 225 -1.69 -28.57 -22.09
N LEU D 226 -1.39 -28.77 -20.81
CA LEU D 226 -2.15 -29.74 -19.99
C LEU D 226 -3.59 -29.29 -19.92
N LEU D 227 -3.80 -27.98 -19.80
CA LEU D 227 -5.18 -27.49 -19.70
C LEU D 227 -5.95 -27.77 -20.96
N THR D 228 -5.27 -27.57 -22.08
CA THR D 228 -5.84 -27.79 -23.40
C THR D 228 -6.25 -29.25 -23.60
N ARG D 229 -5.42 -30.15 -23.10
CA ARG D 229 -5.73 -31.60 -23.17
C ARG D 229 -6.93 -31.96 -22.30
N MET D 230 -6.98 -31.39 -21.10
CA MET D 230 -8.10 -31.64 -20.22
C MET D 230 -9.44 -31.19 -20.81
N ILE D 231 -9.46 -29.98 -21.38
CA ILE D 231 -10.65 -29.40 -21.97
C ILE D 231 -11.06 -30.14 -23.22
N ALA D 232 -10.09 -30.57 -24.05
CA ALA D 232 -10.42 -31.34 -25.22
C ALA D 232 -11.09 -32.69 -24.84
N HIS D 233 -10.57 -33.32 -23.79
CA HIS D 233 -11.11 -34.58 -23.35
C HIS D 233 -12.58 -34.40 -22.97
N ILE D 234 -12.89 -33.37 -22.17
CA ILE D 234 -14.27 -33.30 -21.70
C ILE D 234 -15.24 -32.63 -22.68
N THR D 235 -14.74 -32.05 -23.75
CA THR D 235 -15.62 -31.55 -24.82
C THR D 235 -15.61 -32.45 -26.03
N SER D 236 -14.97 -33.62 -25.92
CA SER D 236 -15.01 -34.61 -26.99
C SER D 236 -14.30 -34.13 -28.25
N LEU D 237 -13.25 -33.30 -28.09
CA LEU D 237 -12.49 -32.81 -29.23
C LEU D 237 -11.09 -33.39 -29.22
N LYS D 238 -10.43 -33.30 -30.37
CA LYS D 238 -9.03 -33.66 -30.48
CA LYS D 238 -9.02 -33.65 -30.50
C LYS D 238 -8.15 -32.41 -30.22
N PRO D 239 -6.96 -32.59 -29.61
CA PRO D 239 -6.07 -31.47 -29.30
C PRO D 239 -5.40 -30.95 -30.57
N GLY D 240 -5.32 -29.62 -30.72
CA GLY D 240 -4.70 -29.02 -31.90
C GLY D 240 -3.34 -28.47 -31.54
N PHE D 241 -3.31 -27.15 -31.21
CA PHE D 241 -2.08 -26.41 -30.89
C PHE D 241 -2.29 -25.59 -29.60
N PHE D 242 -1.20 -25.46 -28.82
CA PHE D 242 -1.05 -24.44 -27.81
C PHE D 242 -0.11 -23.34 -28.38
N ILE D 243 -0.60 -22.12 -28.35
CA ILE D 243 0.11 -20.97 -28.82
C ILE D 243 0.46 -20.08 -27.65
N HIS D 244 1.74 -19.86 -27.46
CA HIS D 244 2.25 -19.10 -26.33
C HIS D 244 2.72 -17.73 -26.80
N THR D 245 2.02 -16.73 -26.32
CA THR D 245 2.37 -15.33 -26.65
C THR D 245 2.90 -14.54 -25.40
N ILE D 246 4.05 -13.88 -25.57
CA ILE D 246 4.73 -13.20 -24.47
C ILE D 246 4.88 -11.70 -24.72
N GLY D 247 4.63 -10.91 -23.65
CA GLY D 247 5.14 -9.50 -23.61
C GLY D 247 6.66 -9.43 -23.38
N ASP D 248 7.04 -9.11 -22.14
CA ASP D 248 8.47 -9.05 -21.79
C ASP D 248 9.04 -10.46 -21.57
N ALA D 249 9.74 -10.97 -22.57
CA ALA D 249 10.42 -12.26 -22.52
C ALA D 249 11.87 -11.95 -22.13
N HIS D 250 12.32 -12.54 -21.04
CA HIS D 250 13.60 -12.19 -20.48
C HIS D 250 14.43 -13.31 -19.87
N VAL D 251 15.69 -13.02 -19.70
CA VAL D 251 16.64 -13.91 -18.97
C VAL D 251 17.33 -13.06 -17.90
N TYR D 252 17.45 -13.55 -16.67
CA TYR D 252 18.18 -12.78 -15.64
C TYR D 252 19.67 -12.84 -15.87
N LEU D 253 20.34 -11.74 -15.59
CA LEU D 253 21.76 -11.65 -15.85
C LEU D 253 22.49 -12.72 -15.10
N THR D 254 22.03 -13.00 -13.88
CA THR D 254 22.68 -14.08 -13.08
C THR D 254 22.47 -15.50 -13.64
N HIS D 255 21.52 -15.69 -14.55
CA HIS D 255 21.30 -17.02 -15.15
C HIS D 255 22.08 -17.26 -16.41
N VAL D 256 22.72 -16.22 -16.96
CA VAL D 256 23.21 -16.32 -18.30
C VAL D 256 24.14 -17.47 -18.54
N ASP D 257 25.08 -17.72 -17.62
CA ASP D 257 26.07 -18.78 -17.85
C ASP D 257 25.43 -20.15 -17.84
N ALA D 258 24.49 -20.34 -16.91
CA ALA D 258 23.77 -21.61 -16.76
C ALA D 258 22.90 -21.92 -17.99
N LEU D 259 22.42 -20.87 -18.67
CA LEU D 259 21.67 -21.07 -19.88
C LEU D 259 22.58 -21.33 -21.08
N LYS D 260 23.78 -20.72 -21.11
CA LYS D 260 24.74 -20.99 -22.19
C LYS D 260 25.14 -22.48 -22.22
N VAL D 261 25.21 -23.09 -21.04
CA VAL D 261 25.42 -24.54 -20.93
C VAL D 261 24.19 -25.30 -21.47
N GLN D 262 23.00 -25.02 -20.93
CA GLN D 262 21.78 -25.67 -21.43
C GLN D 262 21.60 -25.60 -22.95
N MET D 263 21.96 -24.48 -23.56
CA MET D 263 21.88 -24.30 -25.03
C MET D 263 22.82 -25.19 -25.85
N GLU D 264 23.85 -25.74 -25.24
CA GLU D 264 24.71 -26.66 -26.00
C GLU D 264 24.16 -28.10 -25.94
N ARG D 265 22.99 -28.31 -25.33
CA ARG D 265 22.37 -29.64 -25.32
C ARG D 265 21.40 -29.77 -26.46
N LYS D 266 21.28 -30.97 -26.99
CA LYS D 266 20.50 -31.20 -28.16
C LYS D 266 19.20 -31.75 -27.66
N PRO D 267 18.11 -31.06 -27.99
CA PRO D 267 16.80 -31.49 -27.54
C PRO D 267 16.51 -32.90 -27.99
N ARG D 268 15.80 -33.65 -27.14
CA ARG D 268 15.38 -35.00 -27.44
C ARG D 268 13.90 -34.95 -27.82
N PRO D 269 13.33 -36.07 -28.26
CA PRO D 269 11.90 -35.93 -28.61
C PRO D 269 11.06 -35.68 -27.37
N PHE D 270 9.95 -34.96 -27.54
CA PHE D 270 8.95 -34.76 -26.48
C PHE D 270 8.28 -36.06 -26.08
N PRO D 271 7.68 -36.09 -24.89
CA PRO D 271 6.93 -37.28 -24.46
C PRO D 271 5.50 -37.32 -25.04
N LYS D 272 4.74 -38.40 -24.77
CA LYS D 272 3.30 -38.36 -25.01
C LYS D 272 2.54 -38.21 -23.69
N LEU D 273 1.30 -37.76 -23.75
CA LEU D 273 0.42 -37.73 -22.59
C LEU D 273 -0.88 -38.40 -22.93
N LYS D 274 -1.26 -39.35 -22.10
CA LYS D 274 -2.53 -40.08 -22.19
C LYS D 274 -3.36 -39.79 -20.96
N ILE D 275 -4.68 -39.66 -21.17
CA ILE D 275 -5.64 -39.49 -20.08
C ILE D 275 -6.26 -40.87 -19.81
N LEU D 276 -6.25 -41.27 -18.55
CA LEU D 276 -6.52 -42.70 -18.26
C LEU D 276 -7.94 -43.02 -17.88
N ARG D 277 -8.86 -42.08 -17.96
CA ARG D 277 -10.21 -42.32 -17.43
C ARG D 277 -11.20 -41.45 -18.20
N ASN D 278 -12.41 -41.94 -18.40
CA ASN D 278 -13.48 -41.08 -18.91
C ASN D 278 -13.89 -40.10 -17.81
N VAL D 279 -13.28 -38.92 -17.86
CA VAL D 279 -13.44 -37.99 -16.79
C VAL D 279 -14.75 -37.27 -16.96
N GLU D 280 -15.48 -37.18 -15.85
CA GLU D 280 -16.86 -36.68 -15.82
C GLU D 280 -17.03 -35.20 -16.29
N ASN D 281 -16.16 -34.31 -15.82
CA ASN D 281 -16.31 -32.83 -16.02
C ASN D 281 -15.01 -32.22 -15.56
N ILE D 282 -14.82 -30.94 -15.85
CA ILE D 282 -13.54 -30.31 -15.57
C ILE D 282 -13.15 -30.33 -14.09
N ASP D 283 -14.13 -30.38 -13.21
CA ASP D 283 -13.82 -30.44 -11.78
C ASP D 283 -13.52 -31.86 -11.24
N ASP D 284 -13.50 -32.90 -12.09
CA ASP D 284 -13.42 -34.31 -11.64
C ASP D 284 -12.05 -34.87 -11.95
N PHE D 285 -11.15 -34.05 -12.50
CA PHE D 285 -9.82 -34.56 -12.88
C PHE D 285 -8.97 -34.84 -11.66
N ARG D 286 -8.10 -35.84 -11.73
CA ARG D 286 -7.14 -36.11 -10.62
C ARG D 286 -5.77 -36.49 -11.16
N ALA D 287 -4.76 -36.34 -10.28
CA ALA D 287 -3.36 -36.37 -10.73
C ALA D 287 -3.04 -37.68 -11.40
N GLU D 288 -3.63 -38.76 -10.85
CA GLU D 288 -3.48 -40.07 -11.40
C GLU D 288 -4.14 -40.31 -12.75
N ASP D 289 -4.91 -39.36 -13.25
CA ASP D 289 -5.47 -39.49 -14.62
C ASP D 289 -4.40 -39.30 -15.69
N PHE D 290 -3.26 -38.70 -15.37
CA PHE D 290 -2.33 -38.35 -16.49
C PHE D 290 -1.14 -39.27 -16.49
N GLU D 291 -0.84 -39.81 -17.66
CA GLU D 291 0.29 -40.71 -17.83
C GLU D 291 1.18 -40.08 -18.89
N LEU D 292 2.41 -39.80 -18.48
CA LEU D 292 3.42 -39.19 -19.27
C LEU D 292 4.39 -40.23 -19.78
N ILE D 293 4.39 -40.45 -21.10
CA ILE D 293 5.10 -41.58 -21.71
C ILE D 293 6.44 -41.15 -22.32
N ASN D 294 7.51 -41.81 -21.90
CA ASN D 294 8.83 -41.51 -22.40
C ASN D 294 9.39 -40.07 -22.21
N TYR D 295 9.23 -39.49 -21.03
CA TYR D 295 9.83 -38.19 -20.78
C TYR D 295 11.28 -38.48 -20.41
N LYS D 296 12.23 -37.87 -21.12
CA LYS D 296 13.62 -38.21 -20.98
C LYS D 296 14.49 -36.99 -21.07
N PRO D 297 14.44 -36.15 -20.04
CA PRO D 297 15.15 -34.92 -20.10
C PRO D 297 16.56 -35.12 -19.65
N TYR D 298 17.40 -34.14 -19.90
CA TYR D 298 18.71 -34.06 -19.28
C TYR D 298 18.43 -33.72 -17.82
N PRO D 299 19.46 -33.71 -16.96
CA PRO D 299 19.34 -33.37 -15.52
C PRO D 299 18.49 -32.15 -15.05
#